data_5FEH
#
_entry.id   5FEH
#
_cell.length_a   135.525
_cell.length_b   135.525
_cell.length_c   353.602
_cell.angle_alpha   90.00
_cell.angle_beta   90.00
_cell.angle_gamma   120.00
#
_symmetry.space_group_name_H-M   'P 65 2 2'
#
loop_
_entity.id
_entity.type
_entity.pdbx_description
1 polymer 'PCT64_26 Fab light chain'
2 polymer 'PCT64_26 Fab heavy chain'
3 non-polymer 'SULFATE ION'
4 non-polymer 1,2-ETHANEDIOL
5 water water
#
loop_
_entity_poly.entity_id
_entity_poly.type
_entity_poly.pdbx_seq_one_letter_code
_entity_poly.pdbx_strand_id
1 'polypeptide(L)'
;EIGLTQSPGTLSLSPGDRATLSCRATQRVGSDYLAWYQQRPGQSPRLLVYGTSRRAAGIPDRFSGSGSGTDFTLTIDRLE
PEDFAVYYCRQYETSFSFGPGTRVDLKRTVAAPSVFIFPPSDEQLKSGTASVVCLLNNFYPREAKVQWKVDNALQSGNSQ
ESVTEQDSKDSTYSLSSTLTLSKADYEKHKVYACEVTHQGLSSPVTKSFNRGEC
;
A,C,E
2 'polypeptide(L)'
;EVQLVESGGGLVKPGGSLRLSCVGSEFTFSDAWMTWVRQAPGKGLEWVGHMRPTPEGGAKDYAAPVKGRFTVSRDDSKRT
LYLQMNSLKIEDTAVYYCMTGVEKGDFWSDDYSQHYNTYLIDVWGKGTTVTVSSASTKGPSVFPLAPSSKSTSGGTAALG
CLVKDYFPEPVTVSWNSGALTSGVHTFPAVLQSSGLYSLSSVVTVPSSSLGTQTYICNVNHKPSNTKVDKRVEPKSCDHH
HHHH
;
B,D,F
#
# COMPACT_ATOMS: atom_id res chain seq x y z
N GLU A 1 -0.29 26.00 -5.53
CA GLU A 1 0.50 27.02 -6.22
C GLU A 1 1.94 27.10 -5.69
N ILE A 2 2.09 26.92 -4.38
CA ILE A 2 3.37 27.10 -3.69
C ILE A 2 3.86 25.77 -3.15
N GLY A 3 5.13 25.47 -3.39
CA GLY A 3 5.75 24.24 -2.92
C GLY A 3 6.63 24.52 -1.72
N LEU A 4 6.80 23.52 -0.87
CA LEU A 4 7.59 23.65 0.34
C LEU A 4 8.72 22.62 0.36
N THR A 5 9.86 23.02 0.93
CA THR A 5 11.00 22.14 1.14
C THR A 5 11.50 22.32 2.56
N GLN A 6 12.00 21.24 3.15
CA GLN A 6 12.51 21.30 4.51
C GLN A 6 13.93 20.76 4.53
N SER A 7 14.76 21.36 5.37
CA SER A 7 16.16 20.95 5.52
C SER A 7 16.54 20.89 6.98
N PRO A 8 17.24 19.82 7.38
CA PRO A 8 17.59 18.69 6.50
C PRO A 8 16.49 17.64 6.47
N GLY A 9 16.74 16.54 5.77
CA GLY A 9 15.79 15.45 5.78
C GLY A 9 15.77 14.74 7.12
N THR A 10 16.96 14.44 7.65
CA THR A 10 17.11 13.90 8.99
C THR A 10 18.13 14.73 9.75
N LEU A 11 17.87 14.94 11.03
CA LEU A 11 18.71 15.74 11.91
C LEU A 11 19.15 14.87 13.07
N SER A 12 20.45 14.68 13.21
CA SER A 12 21.01 13.82 14.25
C SER A 12 21.60 14.71 15.34
N LEU A 13 20.95 14.73 16.51
CA LEU A 13 21.37 15.56 17.61
C LEU A 13 21.27 14.77 18.90
N SER A 14 21.89 15.28 19.93
CA SER A 14 21.87 14.68 21.24
C SER A 14 20.96 15.46 22.18
N PRO A 15 20.42 14.82 23.21
CA PRO A 15 19.62 15.57 24.18
C PRO A 15 20.43 16.70 24.80
N GLY A 16 19.83 17.89 24.82
CA GLY A 16 20.50 19.07 25.29
C GLY A 16 21.12 19.90 24.19
N ASP A 17 21.01 19.45 22.94
CA ASP A 17 21.48 20.22 21.81
C ASP A 17 20.38 21.16 21.35
N ARG A 18 20.77 22.18 20.59
CA ARG A 18 19.82 23.13 20.02
C ARG A 18 19.55 22.73 18.58
N ALA A 19 18.27 22.60 18.25
CA ALA A 19 17.87 22.18 16.91
C ALA A 19 17.32 23.38 16.15
N THR A 20 17.67 23.45 14.87
CA THR A 20 17.17 24.49 13.98
C THR A 20 16.71 23.82 12.70
N LEU A 21 15.40 23.78 12.50
CA LEU A 21 14.80 23.21 11.30
C LEU A 21 14.37 24.33 10.38
N SER A 22 14.42 24.06 9.08
CA SER A 22 14.15 25.08 8.06
C SER A 22 12.99 24.67 7.18
N CYS A 23 12.15 25.65 6.86
CA CYS A 23 11.06 25.49 5.91
C CYS A 23 11.18 26.60 4.88
N ARG A 24 11.37 26.23 3.62
CA ARG A 24 11.55 27.19 2.54
C ARG A 24 10.46 27.00 1.49
N ALA A 25 9.93 28.12 1.00
CA ALA A 25 8.83 28.11 0.05
C ALA A 25 9.29 28.60 -1.31
N THR A 26 8.61 28.11 -2.35
CA THR A 26 8.89 28.55 -3.71
C THR A 26 8.46 30.00 -3.93
N GLN A 27 7.35 30.42 -3.31
CA GLN A 27 6.88 31.78 -3.39
C GLN A 27 6.61 32.30 -1.98
N ARG A 28 6.46 33.62 -1.87
CA ARG A 28 6.38 34.24 -0.55
C ARG A 28 5.10 33.81 0.17
N VAL A 29 5.22 33.60 1.47
CA VAL A 29 4.09 33.25 2.34
C VAL A 29 3.99 34.28 3.45
N GLY A 30 2.78 34.77 3.69
CA GLY A 30 2.59 35.74 4.77
C GLY A 30 2.84 35.13 6.13
N SER A 31 3.25 35.97 7.07
CA SER A 31 3.68 35.50 8.37
C SER A 31 2.54 35.13 9.31
N ASP A 32 1.30 35.21 8.84
CA ASP A 32 0.16 34.73 9.61
C ASP A 32 -0.31 33.38 9.12
N TYR A 33 0.39 32.80 8.14
CA TYR A 33 -0.08 31.63 7.42
C TYR A 33 0.96 30.53 7.38
N LEU A 34 1.83 30.45 8.40
CA LEU A 34 2.86 29.40 8.47
C LEU A 34 2.85 28.79 9.86
N ALA A 35 2.71 27.47 9.93
CA ALA A 35 2.62 26.75 11.19
C ALA A 35 3.59 25.58 11.19
N TRP A 36 3.83 25.05 12.38
CA TRP A 36 4.74 23.92 12.57
C TRP A 36 4.04 22.82 13.36
N TYR A 37 4.17 21.58 12.89
CA TYR A 37 3.56 20.43 13.55
C TYR A 37 4.61 19.41 13.93
N GLN A 38 4.30 18.64 14.97
CA GLN A 38 5.14 17.57 15.48
C GLN A 38 4.35 16.27 15.44
N GLN A 39 5.01 15.17 15.04
CA GLN A 39 4.35 13.88 15.00
C GLN A 39 5.30 12.81 15.49
N ARG A 40 4.93 12.16 16.59
CA ARG A 40 5.66 11.00 17.08
C ARG A 40 5.14 9.74 16.42
N PRO A 41 5.95 8.67 16.38
CA PRO A 41 5.50 7.42 15.73
C PRO A 41 4.22 6.88 16.35
N GLY A 42 3.23 6.66 15.50
CA GLY A 42 1.99 6.04 15.92
C GLY A 42 1.00 6.95 16.61
N GLN A 43 1.22 8.26 16.57
CA GLN A 43 0.33 9.23 17.20
C GLN A 43 -0.15 10.24 16.17
N SER A 44 -1.21 10.95 16.51
CA SER A 44 -1.70 12.02 15.64
C SER A 44 -0.79 13.24 15.75
N PRO A 45 -0.72 14.06 14.69
CA PRO A 45 0.13 15.26 14.73
C PRO A 45 -0.35 16.23 15.80
N ARG A 46 0.56 17.13 16.18
CA ARG A 46 0.29 18.14 17.19
C ARG A 46 0.79 19.49 16.70
N LEU A 47 -0.01 20.54 16.92
CA LEU A 47 0.39 21.88 16.53
C LEU A 47 1.41 22.41 17.53
N LEU A 48 2.58 22.83 17.03
CA LEU A 48 3.60 23.42 17.88
C LEU A 48 3.48 24.93 17.91
N VAL A 49 3.66 25.57 16.77
CA VAL A 49 3.51 27.01 16.63
C VAL A 49 2.64 27.30 15.42
N TYR A 50 2.05 28.49 15.40
CA TYR A 50 1.24 28.95 14.29
C TYR A 50 1.52 30.43 14.07
N GLY A 51 1.25 30.90 12.86
CA GLY A 51 1.56 32.28 12.54
C GLY A 51 3.04 32.57 12.64
N THR A 52 3.87 31.62 12.20
CA THR A 52 5.33 31.69 12.24
C THR A 52 5.86 31.57 13.66
N SER A 53 5.48 32.50 14.53
CA SER A 53 6.14 32.66 15.83
C SER A 53 5.27 32.39 17.05
N ARG A 54 3.95 32.29 16.91
CA ARG A 54 3.05 32.17 18.06
C ARG A 54 2.93 30.71 18.48
N ARG A 55 3.07 30.44 19.78
CA ARG A 55 2.97 29.07 20.27
C ARG A 55 1.53 28.67 20.57
N ALA A 56 1.25 27.39 20.39
CA ALA A 56 -0.02 26.79 20.78
C ALA A 56 -0.08 26.59 22.29
N ALA A 57 -1.28 26.27 22.78
CA ALA A 57 -1.47 26.09 24.21
C ALA A 57 -0.75 24.84 24.70
N GLY A 58 -0.18 24.94 25.90
CA GLY A 58 0.48 23.79 26.51
C GLY A 58 1.78 23.36 25.87
N ILE A 59 2.42 24.23 25.11
CA ILE A 59 3.67 23.91 24.42
C ILE A 59 4.83 24.49 25.22
N PRO A 60 5.85 23.70 25.55
CA PRO A 60 6.98 24.21 26.34
C PRO A 60 7.70 25.35 25.64
N ASP A 61 8.61 25.98 26.38
CA ASP A 61 9.34 27.15 25.90
C ASP A 61 10.49 26.82 24.96
N ARG A 62 10.89 25.54 24.88
CA ARG A 62 11.98 25.19 23.98
C ARG A 62 11.62 25.46 22.52
N PHE A 63 10.35 25.33 22.16
CA PHE A 63 9.90 25.53 20.78
C PHE A 63 9.74 27.02 20.48
N SER A 64 10.47 27.50 19.49
CA SER A 64 10.45 28.90 19.09
C SER A 64 10.23 28.99 17.60
N GLY A 65 9.28 29.83 17.19
CA GLY A 65 9.01 30.06 15.78
C GLY A 65 9.67 31.35 15.29
N SER A 66 10.14 31.31 14.04
CA SER A 66 10.84 32.44 13.44
C SER A 66 10.70 32.36 11.93
N GLY A 67 11.14 33.42 11.27
CA GLY A 67 11.17 33.48 9.81
C GLY A 67 10.11 34.42 9.25
N SER A 68 10.22 34.64 7.94
CA SER A 68 9.24 35.45 7.20
C SER A 68 9.48 35.28 5.71
N GLY A 69 8.47 35.63 4.93
CA GLY A 69 8.58 35.62 3.49
C GLY A 69 8.71 34.25 2.88
N THR A 70 9.94 33.85 2.54
CA THR A 70 10.19 32.59 1.88
C THR A 70 11.03 31.61 2.71
N ASP A 71 11.56 32.03 3.87
CA ASP A 71 12.35 31.16 4.73
C ASP A 71 11.84 31.25 6.16
N PHE A 72 11.50 30.10 6.74
CA PHE A 72 11.04 30.02 8.12
C PHE A 72 11.82 28.95 8.87
N THR A 73 12.06 29.18 10.16
CA THR A 73 12.81 28.22 10.99
C THR A 73 12.07 27.93 12.28
N LEU A 74 12.10 26.66 12.69
CA LEU A 74 11.63 26.22 13.99
C LEU A 74 12.83 25.88 14.86
N THR A 75 12.87 26.42 16.07
CA THR A 75 14.00 26.23 16.98
C THR A 75 13.53 25.46 18.19
N ILE A 76 14.28 24.41 18.53
CA ILE A 76 14.08 23.69 19.78
C ILE A 76 15.30 23.98 20.62
N ASP A 77 15.12 24.78 21.67
CA ASP A 77 16.27 25.37 22.36
C ASP A 77 17.17 24.32 22.99
N ARG A 78 16.59 23.39 23.73
CA ARG A 78 17.33 22.26 24.28
C ARG A 78 16.45 21.03 24.11
N LEU A 79 16.95 20.05 23.38
CA LEU A 79 16.16 18.87 23.04
C LEU A 79 15.94 17.97 24.26
N GLU A 80 14.74 17.44 24.38
CA GLU A 80 14.38 16.43 25.35
C GLU A 80 14.08 15.12 24.66
N PRO A 81 14.21 13.98 25.36
CA PRO A 81 13.97 12.69 24.72
C PRO A 81 12.62 12.56 24.03
N GLU A 82 11.61 13.31 24.47
CA GLU A 82 10.31 13.25 23.82
C GLU A 82 10.24 14.12 22.58
N ASP A 83 11.23 14.99 22.36
CA ASP A 83 11.22 15.91 21.23
C ASP A 83 11.79 15.29 19.97
N PHE A 84 12.13 14.00 19.99
CA PHE A 84 12.70 13.32 18.83
C PHE A 84 11.54 12.75 18.04
N ALA A 85 11.17 13.42 16.96
CA ALA A 85 10.02 13.04 16.17
C ALA A 85 10.19 13.64 14.78
N VAL A 86 9.09 13.68 14.02
CA VAL A 86 9.07 14.28 12.69
C VAL A 86 8.32 15.60 12.78
N TYR A 87 8.87 16.63 12.15
CA TYR A 87 8.32 17.98 12.20
C TYR A 87 7.93 18.45 10.81
N TYR A 88 6.68 18.85 10.64
CA TYR A 88 6.17 19.34 9.37
C TYR A 88 5.83 20.82 9.48
N CYS A 89 6.14 21.58 8.43
CA CYS A 89 5.68 22.95 8.33
C CYS A 89 4.48 22.99 7.40
N ARG A 90 3.56 23.91 7.66
CA ARG A 90 2.34 23.98 6.88
C ARG A 90 2.03 25.43 6.56
N GLN A 91 1.72 25.68 5.30
CA GLN A 91 1.25 26.99 4.85
C GLN A 91 -0.26 26.96 4.72
N TYR A 92 -0.90 28.11 4.91
CA TYR A 92 -2.35 28.19 4.75
C TYR A 92 -2.75 29.59 4.30
N GLU A 93 -2.24 30.01 3.13
CA GLU A 93 -2.68 31.24 2.51
C GLU A 93 -3.24 30.96 1.12
N THR A 94 -2.36 30.91 0.12
CA THR A 94 -2.77 30.53 -1.22
C THR A 94 -2.77 29.02 -1.39
N SER A 95 -1.72 28.35 -0.94
CA SER A 95 -1.63 26.90 -0.95
C SER A 95 -1.66 26.41 0.49
N PHE A 96 -2.09 25.16 0.67
CA PHE A 96 -2.32 24.62 2.01
C PHE A 96 -1.58 23.31 2.23
N SER A 97 -0.45 23.13 1.57
CA SER A 97 0.27 21.87 1.62
C SER A 97 1.23 21.83 2.80
N PHE A 98 1.57 20.61 3.20
CA PHE A 98 2.60 20.36 4.22
C PHE A 98 3.96 20.23 3.57
N GLY A 99 5.00 20.33 4.38
CA GLY A 99 6.34 20.11 3.90
C GLY A 99 6.70 18.64 3.94
N PRO A 100 7.84 18.28 3.33
CA PRO A 100 8.22 16.87 3.29
C PRO A 100 8.46 16.29 4.68
N GLY A 101 8.90 17.10 5.62
CA GLY A 101 9.18 16.63 6.95
C GLY A 101 10.67 16.67 7.24
N THR A 102 11.00 16.80 8.51
CA THR A 102 12.37 16.69 8.99
C THR A 102 12.38 15.73 10.17
N ARG A 103 13.19 14.68 10.07
CA ARG A 103 13.30 13.68 11.12
C ARG A 103 14.41 14.07 12.08
N VAL A 104 14.09 14.12 13.36
CA VAL A 104 15.05 14.44 14.41
C VAL A 104 15.23 13.19 15.26
N ASP A 105 16.42 12.59 15.20
CA ASP A 105 16.68 11.36 15.92
C ASP A 105 17.83 11.56 16.91
N LEU A 106 17.95 10.63 17.85
CA LEU A 106 18.96 10.73 18.90
C LEU A 106 20.33 10.42 18.34
N LYS A 107 21.27 11.34 18.52
CA LYS A 107 22.64 11.04 18.12
C LYS A 107 23.19 10.02 19.09
N ARG A 108 23.80 8.98 18.54
CA ARG A 108 24.24 7.81 19.27
C ARG A 108 25.60 7.45 18.71
N THR A 109 26.37 6.66 19.47
CA THR A 109 27.66 6.22 18.94
C THR A 109 27.45 5.42 17.67
N VAL A 110 28.39 5.56 16.73
CA VAL A 110 28.27 4.85 15.47
C VAL A 110 28.31 3.36 15.73
N ALA A 111 27.42 2.62 15.08
CA ALA A 111 27.34 1.17 15.23
C ALA A 111 27.24 0.53 13.86
N ALA A 112 28.15 -0.36 13.56
CA ALA A 112 28.11 -1.06 12.29
C ALA A 112 27.01 -2.12 12.30
N PRO A 113 26.41 -2.41 11.15
CA PRO A 113 25.35 -3.41 11.10
C PRO A 113 25.89 -4.81 11.35
N SER A 114 25.04 -5.65 11.92
CA SER A 114 25.28 -7.09 11.98
C SER A 114 24.54 -7.72 10.79
N VAL A 115 25.29 -8.20 9.81
CA VAL A 115 24.71 -8.69 8.57
C VAL A 115 24.42 -10.17 8.69
N PHE A 116 23.20 -10.57 8.31
CA PHE A 116 22.78 -11.96 8.24
C PHE A 116 22.08 -12.20 6.92
N ILE A 117 22.26 -13.38 6.35
CA ILE A 117 21.61 -13.77 5.10
C ILE A 117 20.87 -15.08 5.33
N PHE A 118 19.64 -15.17 4.82
CA PHE A 118 18.77 -16.32 5.04
C PHE A 118 18.35 -16.92 3.70
N PRO A 119 18.72 -18.16 3.41
CA PRO A 119 18.28 -18.79 2.16
C PRO A 119 16.79 -19.09 2.19
N PRO A 120 16.16 -19.30 1.03
CA PRO A 120 14.74 -19.67 1.02
C PRO A 120 14.53 -21.01 1.72
N SER A 121 13.43 -21.11 2.44
CA SER A 121 13.08 -22.35 3.11
C SER A 121 12.56 -23.37 2.10
N ASP A 122 12.79 -24.66 2.39
CA ASP A 122 12.31 -25.71 1.50
C ASP A 122 10.79 -25.68 1.38
N GLU A 123 10.10 -25.24 2.43
CA GLU A 123 8.65 -25.10 2.35
C GLU A 123 8.26 -24.04 1.32
N GLN A 124 8.96 -22.92 1.32
CA GLN A 124 8.66 -21.87 0.35
C GLN A 124 8.92 -22.33 -1.08
N LEU A 125 10.00 -23.10 -1.27
CA LEU A 125 10.32 -23.57 -2.61
C LEU A 125 9.27 -24.51 -3.17
N LYS A 126 8.41 -25.07 -2.31
CA LYS A 126 7.29 -25.87 -2.77
C LYS A 126 6.19 -25.02 -3.40
N SER A 127 6.26 -23.70 -3.26
CA SER A 127 5.27 -22.80 -3.86
C SER A 127 5.69 -22.27 -5.21
N GLY A 128 6.97 -22.40 -5.57
CA GLY A 128 7.47 -21.89 -6.83
C GLY A 128 8.11 -20.53 -6.79
N THR A 129 8.36 -19.98 -5.60
CA THR A 129 9.00 -18.69 -5.45
C THR A 129 10.11 -18.82 -4.41
N ALA A 130 11.24 -18.15 -4.66
CA ALA A 130 12.34 -18.12 -3.72
C ALA A 130 12.61 -16.67 -3.33
N SER A 131 12.59 -16.41 -2.04
CA SER A 131 12.87 -15.08 -1.50
C SER A 131 13.99 -15.23 -0.49
N VAL A 132 15.16 -14.69 -0.82
CA VAL A 132 16.31 -14.67 0.07
C VAL A 132 16.34 -13.32 0.78
N VAL A 133 16.66 -13.34 2.08
CA VAL A 133 16.55 -12.16 2.93
C VAL A 133 17.92 -11.83 3.50
N CYS A 134 18.33 -10.57 3.37
CA CYS A 134 19.52 -10.03 4.01
C CYS A 134 19.08 -9.13 5.15
N LEU A 135 19.72 -9.28 6.30
CA LEU A 135 19.36 -8.52 7.50
C LEU A 135 20.53 -7.69 7.98
N LEU A 136 20.29 -6.39 8.15
CA LEU A 136 21.24 -5.48 8.78
C LEU A 136 20.65 -5.08 10.12
N ASN A 137 21.33 -5.45 11.20
CA ASN A 137 20.78 -5.38 12.54
C ASN A 137 21.50 -4.32 13.37
N ASN A 138 20.72 -3.48 14.04
CA ASN A 138 21.18 -2.59 15.11
C ASN A 138 22.38 -1.74 14.69
N PHE A 139 22.17 -0.89 13.69
CA PHE A 139 23.20 0.02 13.24
C PHE A 139 22.77 1.47 13.45
N TYR A 140 23.75 2.35 13.42
CA TYR A 140 23.53 3.78 13.46
C TYR A 140 24.74 4.41 12.81
N PRO A 141 24.56 5.44 11.97
CA PRO A 141 23.34 6.17 11.61
C PRO A 141 22.39 5.38 10.73
N ARG A 142 21.24 5.97 10.43
CA ARG A 142 20.20 5.30 9.66
C ARG A 142 20.64 4.99 8.23
N GLU A 143 21.59 5.73 7.69
CA GLU A 143 21.91 5.64 6.27
C GLU A 143 22.77 4.40 6.01
N ALA A 144 22.26 3.47 5.21
CA ALA A 144 22.99 2.27 4.84
C ALA A 144 22.65 1.90 3.40
N LYS A 145 23.48 1.02 2.82
CA LYS A 145 23.34 0.63 1.42
C LYS A 145 23.50 -0.88 1.29
N VAL A 146 22.59 -1.51 0.53
CA VAL A 146 22.60 -2.96 0.33
C VAL A 146 22.59 -3.25 -1.16
N GLN A 147 23.44 -4.17 -1.60
CA GLN A 147 23.50 -4.59 -3.00
C GLN A 147 23.49 -6.11 -3.08
N TRP A 148 22.84 -6.63 -4.12
CA TRP A 148 22.57 -8.05 -4.27
C TRP A 148 23.37 -8.62 -5.42
N LYS A 149 23.99 -9.79 -5.19
CA LYS A 149 24.69 -10.52 -6.24
C LYS A 149 24.21 -11.96 -6.27
N VAL A 150 23.45 -12.32 -7.30
CA VAL A 150 23.00 -13.70 -7.48
C VAL A 150 24.12 -14.56 -8.03
N ASP A 151 25.10 -13.93 -8.67
CA ASP A 151 26.38 -14.55 -8.98
C ASP A 151 27.43 -13.46 -8.92
N ASN A 152 28.68 -13.88 -8.71
CA ASN A 152 29.74 -12.94 -8.34
C ASN A 152 29.77 -11.72 -9.25
N LEU A 154 27.10 -11.02 -11.24
CA LEU A 154 25.73 -10.62 -11.46
C LEU A 154 25.25 -9.61 -10.42
N GLN A 155 24.69 -8.50 -10.88
CA GLN A 155 24.12 -7.48 -10.02
C GLN A 155 22.64 -7.35 -10.37
N SER A 156 21.81 -7.22 -9.34
CA SER A 156 20.36 -7.39 -9.52
C SER A 156 19.67 -6.03 -9.65
N GLY A 157 18.40 -6.08 -10.06
CA GLY A 157 17.61 -4.87 -10.18
C GLY A 157 16.20 -4.98 -9.63
N ASN A 158 15.89 -6.03 -8.88
CA ASN A 158 14.55 -6.20 -8.32
C ASN A 158 14.64 -6.82 -6.92
N SER A 159 14.56 -5.97 -5.91
CA SER A 159 14.56 -6.36 -4.51
C SER A 159 13.85 -5.27 -3.73
N GLN A 160 13.49 -5.57 -2.49
CA GLN A 160 12.76 -4.61 -1.67
C GLN A 160 13.34 -4.55 -0.26
N GLU A 161 13.25 -3.37 0.34
CA GLU A 161 13.85 -3.09 1.65
C GLU A 161 12.84 -2.40 2.55
N SER A 162 13.05 -2.57 3.86
CA SER A 162 12.32 -1.77 4.83
C SER A 162 13.23 -1.56 6.03
N VAL A 163 12.99 -0.45 6.73
CA VAL A 163 13.82 -0.04 7.85
C VAL A 163 12.90 0.29 9.01
N THR A 164 13.31 -0.10 10.22
CA THR A 164 12.54 0.15 11.40
C THR A 164 12.65 1.62 11.81
N GLU A 165 11.76 2.04 12.70
CA GLU A 165 11.91 3.31 13.36
C GLU A 165 13.08 3.22 14.33
N GLN A 166 13.61 4.38 14.72
CA GLN A 166 14.71 4.36 15.67
C GLN A 166 14.23 3.73 16.95
N ASP A 167 14.95 2.72 17.43
CA ASP A 167 14.47 1.97 18.57
C ASP A 167 14.32 2.89 19.77
N SER A 168 13.27 2.62 20.55
CA SER A 168 13.00 3.44 21.73
C SER A 168 14.12 3.35 22.75
N LYS A 169 14.71 2.17 22.92
CA LYS A 169 15.75 2.00 23.93
C LYS A 169 17.16 2.19 23.37
N ASP A 170 17.60 1.31 22.46
CA ASP A 170 19.00 1.33 22.02
C ASP A 170 19.32 2.49 21.08
N SER A 171 18.30 3.11 20.48
CA SER A 171 18.49 4.20 19.51
C SER A 171 19.18 3.75 18.23
N THR A 172 18.99 2.50 17.81
CA THR A 172 19.57 1.99 16.57
C THR A 172 18.47 1.76 15.56
N TYR A 173 18.89 1.41 14.33
CA TYR A 173 17.98 1.06 13.25
C TYR A 173 18.29 -0.36 12.80
N SER A 174 17.32 -0.96 12.13
CA SER A 174 17.49 -2.27 11.51
C SER A 174 16.86 -2.24 10.13
N LEU A 175 17.50 -2.92 9.19
CA LEU A 175 17.08 -2.92 7.80
C LEU A 175 17.09 -4.34 7.27
N SER A 176 16.11 -4.66 6.43
CA SER A 176 16.00 -5.97 5.81
C SER A 176 15.80 -5.78 4.31
N SER A 177 16.65 -6.41 3.51
CA SER A 177 16.48 -6.41 2.07
C SER A 177 16.19 -7.83 1.63
N THR A 178 15.09 -8.03 0.92
CA THR A 178 14.69 -9.35 0.46
C THR A 178 14.70 -9.35 -1.06
N LEU A 179 15.42 -10.32 -1.63
CA LEU A 179 15.50 -10.51 -3.06
C LEU A 179 14.50 -11.59 -3.47
N THR A 180 13.61 -11.25 -4.40
CA THR A 180 12.54 -12.15 -4.84
C THR A 180 12.86 -12.69 -6.23
N LEU A 181 13.06 -14.01 -6.32
CA LEU A 181 13.27 -14.69 -7.58
C LEU A 181 12.28 -15.85 -7.68
N SER A 182 12.07 -16.31 -8.90
CA SER A 182 11.27 -17.51 -9.11
C SER A 182 12.11 -18.76 -8.80
N LYS A 183 11.40 -19.87 -8.56
CA LYS A 183 12.11 -21.12 -8.29
C LYS A 183 12.93 -21.54 -9.50
N ALA A 184 12.42 -21.27 -10.70
CA ALA A 184 13.18 -21.56 -11.92
C ALA A 184 14.48 -20.77 -11.95
N ASP A 185 14.40 -19.46 -11.71
CA ASP A 185 15.60 -18.63 -11.66
C ASP A 185 16.52 -19.07 -10.53
N TYR A 186 15.96 -19.37 -9.36
CA TYR A 186 16.78 -19.62 -8.17
C TYR A 186 17.61 -20.88 -8.31
N GLU A 187 17.00 -21.98 -8.78
CA GLU A 187 17.72 -23.25 -8.86
C GLU A 187 18.87 -23.20 -9.86
N LYS A 188 18.86 -22.25 -10.79
CA LYS A 188 19.88 -22.19 -11.82
C LYS A 188 21.23 -21.75 -11.25
N HIS A 189 21.22 -20.83 -10.29
CA HIS A 189 22.43 -20.15 -9.85
C HIS A 189 22.92 -20.72 -8.52
N LYS A 190 24.22 -20.61 -8.29
CA LYS A 190 24.87 -21.24 -7.14
C LYS A 190 25.04 -20.27 -5.97
N VAL A 191 25.82 -19.21 -6.16
CA VAL A 191 26.34 -18.40 -5.06
C VAL A 191 25.53 -17.12 -4.93
N TYR A 192 24.88 -16.92 -3.77
CA TYR A 192 24.04 -15.76 -3.52
C TYR A 192 24.68 -14.88 -2.45
N ALA A 193 24.99 -13.63 -2.82
CA ALA A 193 25.77 -12.75 -1.98
C ALA A 193 25.02 -11.45 -1.67
N CYS A 194 25.30 -10.90 -0.50
CA CYS A 194 24.71 -9.64 -0.02
C CYS A 194 25.83 -8.70 0.40
N GLU A 195 25.95 -7.56 -0.29
CA GLU A 195 27.00 -6.58 -0.01
C GLU A 195 26.41 -5.39 0.74
N VAL A 196 27.02 -5.04 1.87
CA VAL A 196 26.51 -4.01 2.76
C VAL A 196 27.56 -2.92 2.91
N THR A 197 27.15 -1.67 2.70
CA THR A 197 27.99 -0.49 2.88
C THR A 197 27.43 0.35 4.01
N HIS A 198 28.29 0.78 4.92
CA HIS A 198 27.84 1.59 6.05
C HIS A 198 28.99 2.42 6.59
N GLN A 199 28.62 3.54 7.24
CA GLN A 199 29.59 4.45 7.81
C GLN A 199 30.41 3.77 8.91
N GLY A 200 29.82 2.82 9.62
CA GLY A 200 30.50 2.09 10.66
C GLY A 200 31.43 1.00 10.17
N LEU A 201 31.41 0.73 8.87
CA LEU A 201 32.27 -0.28 8.26
C LEU A 201 33.40 0.38 7.50
N SER A 202 34.63 0.00 7.81
CA SER A 202 35.77 0.53 7.08
C SER A 202 35.76 0.04 5.64
N SER A 203 35.37 -1.21 5.41
CA SER A 203 35.25 -1.77 4.08
C SER A 203 33.96 -2.58 3.98
N PRO A 204 33.38 -2.67 2.79
CA PRO A 204 32.09 -3.36 2.64
C PRO A 204 32.12 -4.81 3.11
N VAL A 205 31.04 -5.19 3.80
CA VAL A 205 30.88 -6.55 4.31
C VAL A 205 30.01 -7.33 3.34
N THR A 206 30.45 -8.53 2.97
CA THR A 206 29.69 -9.41 2.09
C THR A 206 29.37 -10.70 2.84
N LYS A 207 28.09 -11.11 2.80
CA LYS A 207 27.68 -12.40 3.33
C LYS A 207 27.00 -13.19 2.21
N SER A 208 27.44 -14.43 2.01
CA SER A 208 26.99 -15.21 0.88
C SER A 208 26.79 -16.66 1.29
N PHE A 209 26.02 -17.38 0.48
CA PHE A 209 25.86 -18.82 0.60
C PHE A 209 25.73 -19.42 -0.79
N ASN A 210 26.26 -20.64 -0.96
CA ASN A 210 26.04 -21.42 -2.16
C ASN A 210 24.77 -22.26 -2.01
N ARG A 211 23.98 -22.32 -3.09
CA ARG A 211 22.66 -22.93 -3.02
C ARG A 211 22.71 -24.36 -2.49
N GLY A 212 23.78 -25.10 -2.81
CA GLY A 212 23.86 -26.47 -2.34
C GLY A 212 24.10 -26.54 -0.84
N GLU A 213 25.10 -25.83 -0.36
CA GLU A 213 25.45 -25.77 1.06
C GLU A 213 25.65 -27.17 1.66
N GLU B 1 -12.49 17.12 28.08
CA GLU B 1 -11.55 17.68 27.12
C GLU B 1 -12.12 17.62 25.70
N VAL B 2 -11.76 18.60 24.88
CA VAL B 2 -12.24 18.69 23.50
C VAL B 2 -11.67 17.52 22.70
N GLN B 3 -12.55 16.65 22.23
CA GLN B 3 -12.15 15.42 21.54
C GLN B 3 -12.83 15.33 20.19
N LEU B 4 -12.26 14.49 19.33
CA LEU B 4 -12.81 14.20 18.01
C LEU B 4 -12.70 12.71 17.72
N VAL B 5 -13.78 12.15 17.18
CA VAL B 5 -13.84 10.74 16.80
C VAL B 5 -14.15 10.64 15.31
N GLU B 6 -13.52 9.68 14.66
CA GLU B 6 -13.64 9.49 13.23
C GLU B 6 -14.16 8.10 12.94
N SER B 7 -14.84 7.96 11.81
CA SER B 7 -15.34 6.66 11.40
C SER B 7 -15.51 6.66 9.89
N GLY B 8 -15.87 5.49 9.36
CA GLY B 8 -16.14 5.34 7.96
C GLY B 8 -15.01 4.77 7.14
N GLY B 9 -13.82 4.61 7.71
CA GLY B 9 -12.70 4.08 6.96
C GLY B 9 -12.78 2.56 6.85
N GLY B 10 -12.47 2.04 5.67
CA GLY B 10 -12.50 0.60 5.47
C GLY B 10 -11.82 0.22 4.18
N LEU B 11 -12.05 -1.03 3.79
CA LEU B 11 -11.49 -1.58 2.56
C LEU B 11 -12.42 -1.27 1.38
N VAL B 12 -11.85 -0.75 0.30
CA VAL B 12 -12.61 -0.38 -0.88
C VAL B 12 -11.82 -0.77 -2.12
N LYS B 13 -12.52 -1.26 -3.14
CA LYS B 13 -11.92 -1.55 -4.42
C LYS B 13 -11.55 -0.25 -5.13
N PRO B 14 -10.58 -0.30 -6.06
CA PRO B 14 -10.15 0.97 -6.71
C PRO B 14 -11.29 1.77 -7.33
N GLY B 15 -12.17 1.14 -8.12
CA GLY B 15 -13.23 1.93 -8.72
C GLY B 15 -14.27 2.43 -7.74
N GLY B 16 -14.31 1.88 -6.53
CA GLY B 16 -15.39 2.12 -5.62
C GLY B 16 -15.37 3.51 -5.00
N SER B 17 -16.24 3.68 -4.01
CA SER B 17 -16.40 4.93 -3.30
C SER B 17 -16.60 4.64 -1.82
N LEU B 18 -16.32 5.64 -0.99
CA LEU B 18 -16.44 5.49 0.46
C LEU B 18 -16.67 6.87 1.06
N ARG B 19 -17.31 6.89 2.23
CA ARG B 19 -17.53 8.12 2.97
C ARG B 19 -17.09 7.95 4.41
N LEU B 20 -16.31 8.90 4.91
CA LEU B 20 -15.83 8.90 6.29
C LEU B 20 -16.30 10.17 6.97
N SER B 21 -16.54 10.07 8.27
CA SER B 21 -17.24 11.09 9.04
C SER B 21 -16.44 11.44 10.29
N CYS B 22 -16.66 12.66 10.77
CA CYS B 22 -15.99 13.18 11.97
C CYS B 22 -16.96 14.04 12.75
N VAL B 23 -17.19 13.70 14.00
CA VAL B 23 -18.11 14.42 14.87
C VAL B 23 -17.32 15.07 16.00
N GLY B 24 -17.68 16.31 16.34
CA GLY B 24 -16.99 17.06 17.36
C GLY B 24 -17.85 17.30 18.59
N SER B 25 -17.19 17.79 19.65
CA SER B 25 -17.86 18.04 20.92
C SER B 25 -17.20 19.18 21.66
N TRP B 33 -13.43 26.20 11.57
CA TRP B 33 -13.24 25.46 10.34
C TRP B 33 -12.57 24.11 10.58
N MET B 34 -12.87 23.15 9.70
CA MET B 34 -12.39 21.78 9.80
C MET B 34 -11.46 21.47 8.63
N THR B 35 -10.51 20.54 8.86
CA THR B 35 -9.51 20.17 7.87
C THR B 35 -9.36 18.65 7.78
N TRP B 36 -9.21 18.14 6.56
CA TRP B 36 -8.89 16.73 6.32
C TRP B 36 -7.48 16.61 5.76
N VAL B 37 -6.65 15.78 6.41
CA VAL B 37 -5.31 15.46 5.92
C VAL B 37 -5.12 13.94 6.01
N ARG B 38 -4.26 13.41 5.14
CA ARG B 38 -4.01 11.99 5.09
C ARG B 38 -2.51 11.71 5.14
N GLN B 39 -2.17 10.45 5.40
CA GLN B 39 -0.77 10.03 5.49
C GLN B 39 -0.64 8.63 4.91
N ALA B 40 0.02 8.51 3.76
CA ALA B 40 0.29 7.22 3.16
C ALA B 40 1.30 6.47 4.02
N PRO B 41 1.34 5.14 3.91
CA PRO B 41 2.29 4.35 4.72
C PRO B 41 3.73 4.81 4.58
N GLY B 42 4.33 5.23 5.68
CA GLY B 42 5.73 5.62 5.71
C GLY B 42 6.05 6.95 5.07
N LYS B 43 5.06 7.71 4.66
CA LYS B 43 5.27 9.01 4.04
C LYS B 43 4.75 10.12 4.96
N GLY B 44 4.80 11.35 4.45
CA GLY B 44 4.48 12.51 5.26
C GLY B 44 3.03 12.92 5.16
N LEU B 45 2.68 13.93 5.95
CA LEU B 45 1.33 14.46 5.95
C LEU B 45 1.04 15.14 4.62
N GLU B 46 -0.14 14.84 4.07
CA GLU B 46 -0.58 15.41 2.81
C GLU B 46 -1.96 16.02 3.00
N TRP B 47 -2.09 17.29 2.64
CA TRP B 47 -3.36 17.99 2.76
C TRP B 47 -4.30 17.54 1.64
N VAL B 48 -5.47 17.05 2.03
CA VAL B 48 -6.46 16.53 1.09
C VAL B 48 -7.44 17.60 0.67
N GLY B 49 -7.96 18.31 1.65
CA GLY B 49 -8.94 19.36 1.44
C GLY B 49 -9.47 19.77 2.79
N HIS B 50 -10.13 20.91 2.79
CA HIS B 50 -10.69 21.44 4.03
C HIS B 50 -11.86 22.34 3.67
N TYR B 62 -9.35 21.94 -2.49
CA TYR B 62 -9.02 20.53 -2.54
C TYR B 62 -7.58 20.37 -3.04
N ALA B 63 -7.01 19.20 -2.78
CA ALA B 63 -5.70 18.90 -3.33
C ALA B 63 -5.81 18.55 -4.81
N ALA B 64 -4.69 18.73 -5.51
CA ALA B 64 -4.66 18.44 -6.94
C ALA B 64 -4.99 16.99 -7.27
N PRO B 65 -4.48 15.97 -6.58
CA PRO B 65 -4.85 14.59 -6.96
C PRO B 65 -6.29 14.25 -6.63
N VAL B 66 -6.90 14.91 -5.65
CA VAL B 66 -8.24 14.55 -5.19
C VAL B 66 -9.31 15.53 -5.64
N LYS B 67 -8.95 16.64 -6.27
CA LYS B 67 -9.97 17.59 -6.71
C LYS B 67 -10.85 16.95 -7.77
N GLY B 68 -12.16 17.14 -7.63
CA GLY B 68 -13.09 16.58 -8.57
C GLY B 68 -13.66 15.25 -8.09
N ARG B 69 -12.80 14.39 -7.55
CA ARG B 69 -13.24 13.08 -7.08
C ARG B 69 -13.64 13.14 -5.60
N PHE B 70 -12.91 13.91 -4.82
CA PHE B 70 -13.25 14.13 -3.42
C PHE B 70 -14.11 15.38 -3.30
N THR B 71 -15.07 15.35 -2.37
CA THR B 71 -15.92 16.50 -2.10
C THR B 71 -16.14 16.55 -0.60
N VAL B 72 -15.75 17.67 0.02
CA VAL B 72 -15.93 17.86 1.45
C VAL B 72 -17.27 18.51 1.71
N SER B 73 -18.08 17.88 2.54
CA SER B 73 -19.36 18.41 2.99
C SER B 73 -19.34 18.58 4.50
N ARG B 74 -20.32 19.31 5.02
CA ARG B 74 -20.34 19.68 6.42
C ARG B 74 -21.78 19.91 6.87
N ASP B 75 -22.13 19.37 8.03
CA ASP B 75 -23.44 19.55 8.63
C ASP B 75 -23.24 20.20 9.99
N ASP B 76 -23.72 21.43 10.13
CA ASP B 76 -23.59 22.13 11.41
C ASP B 76 -24.63 21.67 12.42
N SER B 77 -25.61 20.88 12.00
CA SER B 77 -26.65 20.40 12.91
C SER B 77 -26.23 19.12 13.62
N LYS B 78 -25.91 18.08 12.84
CA LYS B 78 -25.57 16.78 13.37
C LYS B 78 -24.11 16.68 13.82
N ARG B 79 -23.42 17.81 13.93
CA ARG B 79 -22.07 17.90 14.50
C ARG B 79 -21.04 17.10 13.71
N THR B 80 -21.18 16.98 12.39
CA THR B 80 -20.29 16.12 11.63
C THR B 80 -19.67 16.82 10.44
N LEU B 81 -18.48 16.34 10.06
CA LEU B 81 -17.81 16.73 8.84
C LEU B 81 -17.60 15.48 7.99
N TYR B 82 -17.94 15.58 6.71
CA TYR B 82 -17.86 14.43 5.81
C TYR B 82 -16.86 14.69 4.72
N LEU B 83 -16.15 13.63 4.31
CA LEU B 83 -15.33 13.64 3.11
C LEU B 83 -15.86 12.54 2.21
N GLN B 84 -16.43 12.94 1.07
CA GLN B 84 -17.01 12.01 0.13
C GLN B 84 -15.95 11.68 -0.91
N MET B 85 -15.41 10.47 -0.85
CA MET B 85 -14.37 10.03 -1.76
C MET B 85 -15.02 9.17 -2.83
N ASN B 86 -15.06 9.67 -4.05
CA ASN B 86 -15.68 8.96 -5.17
C ASN B 86 -14.61 8.61 -6.19
N SER B 87 -14.79 7.46 -6.83
CA SER B 87 -13.85 6.95 -7.83
C SER B 87 -12.43 6.94 -7.28
N LEU B 88 -12.23 6.13 -6.24
CA LEU B 88 -10.96 6.08 -5.53
C LEU B 88 -9.84 5.56 -6.43
N LYS B 89 -8.61 5.70 -5.93
CA LYS B 89 -7.43 5.19 -6.60
C LYS B 89 -6.55 4.51 -5.57
N ILE B 90 -5.55 3.76 -6.07
CA ILE B 90 -4.60 3.10 -5.16
C ILE B 90 -3.87 4.12 -4.32
N GLU B 91 -3.47 5.24 -4.93
CA GLU B 91 -2.74 6.29 -4.24
C GLU B 91 -3.55 6.92 -3.11
N ASP B 92 -4.84 6.68 -3.04
CA ASP B 92 -5.68 7.26 -1.99
C ASP B 92 -5.58 6.52 -0.66
N THR B 93 -4.87 5.39 -0.64
CA THR B 93 -4.65 4.59 0.56
C THR B 93 -3.85 5.35 1.61
N ALA B 94 -4.48 5.72 2.72
CA ALA B 94 -3.80 6.50 3.75
C ALA B 94 -4.62 6.48 5.03
N VAL B 95 -4.11 7.19 6.04
CA VAL B 95 -4.80 7.40 7.31
C VAL B 95 -5.30 8.84 7.31
N TYR B 96 -6.62 9.03 7.30
CA TYR B 96 -7.20 10.37 7.18
C TYR B 96 -7.50 10.94 8.56
N TYR B 97 -7.20 12.23 8.74
CA TYR B 97 -7.27 12.90 10.04
C TYR B 97 -8.22 14.09 10.01
N CYS B 98 -8.80 14.38 11.18
CA CYS B 98 -9.57 15.59 11.42
C CYS B 98 -8.72 16.62 12.14
N MET B 99 -8.85 17.88 11.74
CA MET B 99 -8.15 18.97 12.40
C MET B 99 -9.03 20.20 12.39
N THR B 100 -9.01 20.97 13.48
CA THR B 100 -9.77 22.20 13.55
C THR B 100 -9.04 23.19 14.47
N LEU B 120 -5.30 29.43 21.38
CA LEU B 120 -5.69 28.46 20.37
C LEU B 120 -5.31 27.04 20.76
N ILE B 121 -6.31 26.15 20.75
CA ILE B 121 -6.12 24.74 21.09
C ILE B 121 -6.59 23.93 19.90
N ASP B 122 -5.66 23.28 19.21
CA ASP B 122 -6.01 22.40 18.11
C ASP B 122 -6.30 21.00 18.66
N VAL B 123 -7.23 20.31 18.00
CA VAL B 123 -7.58 18.95 18.37
C VAL B 123 -7.58 18.11 17.11
N TRP B 124 -7.05 16.90 17.21
CA TRP B 124 -6.94 15.98 16.10
C TRP B 124 -7.64 14.68 16.48
N GLY B 125 -8.33 14.09 15.51
CA GLY B 125 -8.90 12.79 15.75
C GLY B 125 -7.82 11.73 15.79
N LYS B 126 -8.24 10.51 16.11
CA LYS B 126 -7.33 9.38 16.18
C LYS B 126 -7.05 8.76 14.82
N GLY B 127 -7.85 9.07 13.82
CA GLY B 127 -7.54 8.56 12.48
C GLY B 127 -8.19 7.22 12.21
N THR B 128 -8.54 7.01 10.95
CA THR B 128 -9.08 5.73 10.49
C THR B 128 -8.51 5.48 9.12
N THR B 129 -8.02 4.26 8.91
CA THR B 129 -7.31 3.93 7.69
C THR B 129 -8.28 3.60 6.56
N VAL B 130 -7.98 4.13 5.39
CA VAL B 130 -8.69 3.82 4.16
C VAL B 130 -7.72 3.08 3.25
N THR B 131 -8.03 1.82 2.95
CA THR B 131 -7.20 1.01 2.07
C THR B 131 -7.95 0.80 0.76
N VAL B 132 -7.28 1.09 -0.35
CA VAL B 132 -7.86 0.95 -1.68
C VAL B 132 -7.01 -0.04 -2.45
N SER B 133 -7.60 -1.19 -2.77
CA SER B 133 -6.91 -2.27 -3.46
C SER B 133 -7.94 -3.17 -4.11
N SER B 134 -7.53 -3.86 -5.17
CA SER B 134 -8.41 -4.83 -5.80
C SER B 134 -8.17 -6.24 -5.29
N ALA B 135 -7.14 -6.45 -4.47
CA ALA B 135 -6.90 -7.76 -3.89
C ALA B 135 -7.94 -8.08 -2.82
N SER B 136 -8.19 -9.37 -2.62
CA SER B 136 -9.11 -9.85 -1.61
C SER B 136 -8.34 -10.28 -0.36
N THR B 137 -9.03 -10.25 0.78
CA THR B 137 -8.42 -10.60 2.05
C THR B 137 -7.79 -11.98 1.98
N LYS B 138 -6.56 -12.08 2.47
CA LYS B 138 -5.81 -13.33 2.38
C LYS B 138 -4.93 -13.45 3.62
N GLY B 139 -4.80 -14.67 4.12
CA GLY B 139 -3.94 -14.93 5.25
C GLY B 139 -2.51 -15.14 4.81
N PRO B 140 -1.55 -14.78 5.66
CA PRO B 140 -0.14 -14.87 5.27
C PRO B 140 0.37 -16.29 5.24
N SER B 141 1.39 -16.51 4.42
CA SER B 141 2.15 -17.75 4.42
C SER B 141 3.43 -17.50 5.20
N VAL B 142 3.62 -18.25 6.29
CA VAL B 142 4.73 -18.02 7.21
C VAL B 142 5.84 -19.01 6.88
N PHE B 143 7.03 -18.50 6.56
CA PHE B 143 8.18 -19.32 6.24
C PHE B 143 9.30 -19.06 7.24
N PRO B 144 10.11 -20.08 7.53
CA PRO B 144 11.20 -19.90 8.50
C PRO B 144 12.40 -19.20 7.87
N LEU B 145 13.04 -18.34 8.66
CA LEU B 145 14.35 -17.79 8.36
C LEU B 145 15.33 -18.48 9.31
N ALA B 146 15.74 -19.69 8.92
CA ALA B 146 16.47 -20.58 9.81
C ALA B 146 17.79 -19.94 10.23
N PRO B 147 18.22 -20.16 11.47
CA PRO B 147 19.51 -19.61 11.89
C PRO B 147 20.67 -20.35 11.21
N SER B 148 21.58 -19.56 10.64
CA SER B 148 22.81 -19.86 9.90
C SER B 148 23.65 -18.59 10.02
N SER B 149 24.64 -18.41 9.13
CA SER B 149 25.33 -17.12 9.08
C SER B 149 25.75 -16.73 10.48
N LYS B 150 26.73 -17.43 11.05
CA LYS B 150 27.07 -17.25 12.46
C LYS B 150 27.35 -15.79 12.78
N SER B 151 27.95 -15.07 11.82
CA SER B 151 28.35 -13.68 11.99
C SER B 151 29.17 -13.53 13.26
N SER B 153 29.10 -14.87 16.21
CA SER B 153 29.14 -15.79 17.33
C SER B 153 29.83 -15.05 18.46
N GLY B 154 29.53 -15.43 19.69
CA GLY B 154 29.93 -14.54 20.76
C GLY B 154 28.67 -14.03 21.43
N GLY B 155 27.61 -14.87 21.47
CA GLY B 155 26.32 -14.45 22.00
C GLY B 155 25.27 -13.96 21.03
N THR B 156 25.58 -13.77 19.75
CA THR B 156 24.56 -13.28 18.84
C THR B 156 24.33 -14.23 17.66
N ALA B 157 23.09 -14.68 17.52
CA ALA B 157 22.62 -15.46 16.39
C ALA B 157 21.28 -14.87 15.94
N ALA B 158 21.00 -14.92 14.66
CA ALA B 158 19.80 -14.30 14.11
C ALA B 158 18.91 -15.33 13.44
N LEU B 159 17.61 -15.25 13.73
CA LEU B 159 16.60 -16.10 13.10
C LEU B 159 15.31 -15.27 12.99
N GLY B 160 14.34 -15.80 12.27
CA GLY B 160 13.10 -15.06 12.12
C GLY B 160 12.09 -15.79 11.27
N CYS B 161 10.98 -15.09 10.99
CA CYS B 161 9.88 -15.60 10.18
C CYS B 161 9.60 -14.65 9.01
N LEU B 162 9.10 -15.21 7.92
CA LEU B 162 8.76 -14.46 6.72
C LEU B 162 7.24 -14.49 6.56
N VAL B 163 6.59 -13.41 7.00
CA VAL B 163 5.15 -13.25 6.86
C VAL B 163 4.89 -12.72 5.44
N LYS B 164 4.50 -13.60 4.53
CA LYS B 164 4.46 -13.30 3.11
C LYS B 164 3.05 -13.44 2.54
N ASP B 165 2.69 -12.52 1.64
CA ASP B 165 1.47 -12.59 0.82
C ASP B 165 0.21 -12.59 1.68
N TYR B 166 -0.05 -11.43 2.27
CA TYR B 166 -1.26 -11.23 3.04
C TYR B 166 -1.92 -9.91 2.69
N PHE B 167 -3.20 -9.80 3.03
CA PHE B 167 -3.97 -8.59 2.81
C PHE B 167 -5.19 -8.63 3.71
N PRO B 168 -5.51 -7.51 4.35
CA PRO B 168 -4.78 -6.24 4.39
C PRO B 168 -3.89 -6.13 5.62
N GLU B 169 -3.46 -4.91 5.92
CA GLU B 169 -2.78 -4.62 7.17
C GLU B 169 -3.81 -4.60 8.30
N PRO B 170 -3.37 -4.84 9.54
CA PRO B 170 -2.01 -5.16 9.97
C PRO B 170 -1.84 -6.61 10.37
N VAL B 171 -0.61 -6.99 10.70
CA VAL B 171 -0.31 -8.31 11.20
C VAL B 171 0.50 -8.13 12.49
N THR B 172 0.31 -9.06 13.42
CA THR B 172 0.98 -9.02 14.70
C THR B 172 1.88 -10.25 14.81
N VAL B 173 3.12 -10.04 15.21
CA VAL B 173 4.07 -11.13 15.39
C VAL B 173 4.65 -11.07 16.80
N SER B 174 4.55 -12.17 17.52
CA SER B 174 5.18 -12.33 18.81
C SER B 174 6.01 -13.61 18.78
N TRP B 175 6.95 -13.71 19.72
CA TRP B 175 7.86 -14.83 19.77
C TRP B 175 7.71 -15.58 21.08
N ASN B 176 7.64 -16.91 20.98
CA ASN B 176 7.43 -17.78 22.15
C ASN B 176 6.25 -17.30 22.98
N SER B 177 5.15 -17.00 22.30
CA SER B 177 3.89 -16.61 22.93
C SER B 177 4.04 -15.41 23.85
N GLY B 178 4.97 -14.52 23.54
CA GLY B 178 5.15 -13.31 24.31
C GLY B 178 6.29 -13.34 25.29
N ALA B 179 6.96 -14.48 25.45
CA ALA B 179 8.09 -14.56 26.37
C ALA B 179 9.31 -13.84 25.81
N LEU B 180 9.55 -13.98 24.51
CA LEU B 180 10.72 -13.39 23.85
C LEU B 180 10.36 -11.98 23.40
N THR B 181 11.00 -10.99 24.01
CA THR B 181 10.75 -9.59 23.68
C THR B 181 12.01 -8.77 23.44
N SER B 182 13.17 -9.25 23.87
CA SER B 182 14.42 -8.52 23.74
C SER B 182 15.15 -9.04 22.51
N GLY B 183 15.28 -8.20 21.50
CA GLY B 183 15.95 -8.57 20.28
C GLY B 183 15.04 -8.70 19.08
N VAL B 184 13.74 -8.72 19.29
CA VAL B 184 12.81 -8.95 18.19
C VAL B 184 12.63 -7.64 17.43
N HIS B 185 12.81 -7.72 16.12
CA HIS B 185 12.51 -6.63 15.20
C HIS B 185 11.46 -7.11 14.21
N THR B 186 10.28 -6.51 14.27
CA THR B 186 9.23 -6.78 13.29
C THR B 186 9.19 -5.59 12.35
N PHE B 187 9.60 -5.81 11.09
CA PHE B 187 9.78 -4.75 10.13
C PHE B 187 8.45 -4.28 9.57
N PRO B 188 8.35 -3.01 9.19
CA PRO B 188 7.15 -2.54 8.51
C PRO B 188 6.97 -3.29 7.20
N ALA B 189 5.72 -3.58 6.88
CA ALA B 189 5.41 -4.33 5.68
C ALA B 189 5.70 -3.53 4.42
N VAL B 190 5.98 -4.24 3.34
CA VAL B 190 6.13 -3.64 2.01
C VAL B 190 5.01 -4.17 1.13
N LEU B 191 4.55 -3.33 0.23
CA LEU B 191 3.46 -3.68 -0.68
C LEU B 191 4.05 -4.20 -1.98
N GLN B 192 3.92 -5.49 -2.22
CA GLN B 192 4.45 -6.08 -3.44
C GLN B 192 3.61 -5.68 -4.65
N SER B 193 4.16 -5.97 -5.84
CA SER B 193 3.48 -5.61 -7.08
C SER B 193 2.15 -6.31 -7.22
N SER B 194 2.01 -7.49 -6.61
CA SER B 194 0.77 -8.24 -6.70
C SER B 194 -0.36 -7.64 -5.86
N GLY B 195 -0.06 -6.63 -5.05
CA GLY B 195 -1.05 -6.05 -4.17
C GLY B 195 -1.09 -6.67 -2.79
N LEU B 196 -0.29 -7.69 -2.53
CA LEU B 196 -0.21 -8.34 -1.24
C LEU B 196 1.02 -7.85 -0.49
N TYR B 197 0.88 -7.70 0.82
CA TYR B 197 1.96 -7.21 1.65
C TYR B 197 2.90 -8.36 2.04
N SER B 198 4.11 -7.98 2.45
CA SER B 198 5.07 -8.94 2.96
C SER B 198 5.86 -8.29 4.09
N LEU B 199 6.27 -9.12 5.04
CA LEU B 199 6.87 -8.65 6.28
C LEU B 199 7.85 -9.70 6.76
N SER B 200 8.85 -9.26 7.50
CA SER B 200 9.82 -10.14 8.13
C SER B 200 9.95 -9.74 9.58
N SER B 201 10.03 -10.72 10.46
CA SER B 201 10.23 -10.47 11.89
C SER B 201 11.41 -11.31 12.32
N VAL B 202 12.47 -10.66 12.80
CA VAL B 202 13.69 -11.34 13.19
C VAL B 202 13.94 -11.13 14.67
N VAL B 203 14.83 -11.96 15.22
CA VAL B 203 15.20 -11.88 16.62
C VAL B 203 16.63 -12.38 16.76
N THR B 204 17.40 -11.72 17.62
CA THR B 204 18.77 -12.11 17.91
C THR B 204 18.83 -12.78 19.27
N VAL B 205 19.47 -13.94 19.32
CA VAL B 205 19.51 -14.74 20.54
C VAL B 205 20.95 -15.18 20.77
N PRO B 206 21.30 -15.50 22.02
CA PRO B 206 22.62 -16.09 22.28
C PRO B 206 22.82 -17.38 21.50
N SER B 207 23.96 -17.46 20.80
CA SER B 207 24.26 -18.63 20.00
C SER B 207 24.39 -19.88 20.86
N SER B 208 24.64 -19.71 22.16
CA SER B 208 24.66 -20.85 23.07
C SER B 208 23.29 -21.45 23.26
N SER B 209 22.24 -20.65 23.10
CA SER B 209 20.88 -21.07 23.42
C SER B 209 20.15 -21.75 22.28
N LEU B 210 20.58 -21.56 21.02
CA LEU B 210 19.81 -22.12 19.91
C LEU B 210 19.91 -23.64 19.83
N GLY B 211 20.80 -24.27 20.56
CA GLY B 211 20.79 -25.72 20.65
C GLY B 211 19.78 -26.18 21.68
N THR B 212 19.69 -25.42 22.77
CA THR B 212 18.82 -25.74 23.90
C THR B 212 17.42 -25.17 23.71
N GLN B 213 17.32 -23.86 23.51
CA GLN B 213 16.04 -23.19 23.44
C GLN B 213 15.39 -23.37 22.08
N THR B 214 14.08 -23.54 22.08
CA THR B 214 13.30 -23.67 20.87
C THR B 214 12.57 -22.36 20.58
N TYR B 215 12.46 -22.01 19.30
CA TYR B 215 11.93 -20.71 18.90
C TYR B 215 10.74 -20.90 17.95
N ILE B 216 9.58 -20.40 18.37
CA ILE B 216 8.38 -20.38 17.55
C ILE B 216 7.86 -18.96 17.48
N CYS B 217 7.44 -18.53 16.29
CA CYS B 217 6.86 -17.21 16.10
C CYS B 217 5.35 -17.31 15.94
N ASN B 218 4.63 -16.36 16.54
CA ASN B 218 3.17 -16.36 16.57
C ASN B 218 2.69 -15.23 15.68
N VAL B 219 2.15 -15.59 14.51
CA VAL B 219 1.69 -14.62 13.53
C VAL B 219 0.18 -14.52 13.64
N ASN B 220 -0.33 -13.31 13.82
CA ASN B 220 -1.76 -13.06 14.01
C ASN B 220 -2.21 -12.03 12.98
N HIS B 221 -3.07 -12.47 12.05
CA HIS B 221 -3.63 -11.59 11.03
C HIS B 221 -5.12 -11.49 11.30
N LYS B 222 -5.50 -10.47 12.07
CA LYS B 222 -6.88 -10.36 12.52
C LYS B 222 -7.88 -10.14 11.38
N PRO B 223 -7.61 -9.33 10.35
CA PRO B 223 -8.59 -9.17 9.26
C PRO B 223 -9.00 -10.47 8.59
N SER B 224 -8.14 -11.49 8.58
CA SER B 224 -8.49 -12.78 8.00
C SER B 224 -8.78 -13.83 9.06
N ASN B 225 -8.76 -13.46 10.34
CA ASN B 225 -9.02 -14.38 11.44
C ASN B 225 -8.10 -15.58 11.39
N THR B 226 -6.80 -15.31 11.21
CA THR B 226 -5.77 -16.32 11.04
C THR B 226 -4.72 -16.17 12.12
N LYS B 227 -4.38 -17.27 12.78
CA LYS B 227 -3.27 -17.34 13.73
C LYS B 227 -2.38 -18.49 13.31
N VAL B 228 -1.08 -18.22 13.14
CA VAL B 228 -0.13 -19.23 12.69
C VAL B 228 1.06 -19.26 13.63
N ASP B 229 1.44 -20.45 14.06
CA ASP B 229 2.67 -20.68 14.85
C ASP B 229 3.61 -21.54 14.04
N LYS B 230 4.83 -21.03 13.79
CA LYS B 230 5.82 -21.75 12.98
C LYS B 230 7.09 -21.90 13.78
N ARG B 231 7.52 -23.15 13.98
CA ARG B 231 8.78 -23.45 14.65
C ARG B 231 9.94 -23.13 13.72
N VAL B 232 10.90 -22.35 14.21
CA VAL B 232 12.11 -22.01 13.46
C VAL B 232 13.26 -22.83 14.01
N GLU B 233 13.72 -23.79 13.21
CA GLU B 233 14.83 -24.65 13.62
C GLU B 233 16.01 -24.45 12.68
N PRO B 234 17.24 -24.69 13.14
CA PRO B 234 18.39 -24.54 12.24
C PRO B 234 18.36 -25.53 11.10
N LYS B 235 18.89 -25.10 9.96
CA LYS B 235 18.91 -25.94 8.77
C LYS B 235 20.30 -26.56 8.61
N GLU C 1 -33.09 -23.66 37.24
CA GLU C 1 -33.75 -24.82 37.83
C GLU C 1 -35.18 -24.99 37.32
N ILE C 2 -35.86 -23.88 37.07
CA ILE C 2 -37.26 -23.88 36.68
C ILE C 2 -37.37 -23.42 35.24
N GLY C 3 -38.16 -24.14 34.45
CA GLY C 3 -38.32 -23.86 33.04
C GLY C 3 -39.64 -23.16 32.72
N LEU C 4 -39.64 -22.46 31.59
CA LEU C 4 -40.79 -21.70 31.12
C LEU C 4 -41.24 -22.22 29.76
N THR C 5 -42.55 -22.20 29.55
CA THR C 5 -43.15 -22.54 28.27
C THR C 5 -44.24 -21.52 27.96
N GLN C 6 -44.46 -21.28 26.66
CA GLN C 6 -45.47 -20.33 26.22
C GLN C 6 -46.44 -20.99 25.27
N SER C 7 -47.70 -20.56 25.36
CA SER C 7 -48.77 -21.03 24.49
C SER C 7 -49.62 -19.87 24.00
N PRO C 8 -49.93 -19.83 22.70
CA PRO C 8 -49.45 -20.80 21.71
C PRO C 8 -48.08 -20.42 21.16
N GLY C 9 -47.56 -21.22 20.22
CA GLY C 9 -46.27 -20.89 19.62
C GLY C 9 -46.35 -19.73 18.67
N THR C 10 -47.35 -19.73 17.79
CA THR C 10 -47.61 -18.64 16.88
C THR C 10 -49.08 -18.25 16.96
N LEU C 11 -49.36 -16.96 16.89
CA LEU C 11 -50.71 -16.43 16.96
C LEU C 11 -50.95 -15.55 15.74
N SER C 12 -51.93 -15.90 14.92
CA SER C 12 -52.27 -15.15 13.72
C SER C 12 -53.52 -14.33 13.96
N LEU C 13 -53.39 -13.01 13.92
CA LEU C 13 -54.47 -12.12 14.29
C LEU C 13 -54.63 -11.00 13.26
N SER C 14 -55.78 -10.33 13.31
CA SER C 14 -56.11 -9.19 12.48
C SER C 14 -56.07 -7.91 13.31
N PRO C 15 -55.83 -6.76 12.68
CA PRO C 15 -55.87 -5.49 13.43
C PRO C 15 -57.22 -5.31 14.11
N GLY C 16 -57.17 -4.99 15.40
CA GLY C 16 -58.39 -4.83 16.17
C GLY C 16 -58.82 -6.06 16.95
N ASP C 17 -58.09 -7.16 16.87
CA ASP C 17 -58.45 -8.36 17.59
C ASP C 17 -57.91 -8.33 19.01
N ARG C 18 -58.52 -9.15 19.86
CA ARG C 18 -58.12 -9.29 21.26
C ARG C 18 -57.35 -10.59 21.42
N ALA C 19 -56.11 -10.49 21.90
CA ALA C 19 -55.23 -11.65 22.07
C ALA C 19 -54.90 -11.90 23.54
N THR C 20 -54.77 -13.16 23.90
CA THR C 20 -54.31 -13.56 25.23
C THR C 20 -53.24 -14.63 25.08
N LEU C 21 -52.01 -14.27 25.44
CA LEU C 21 -50.86 -15.18 25.42
C LEU C 21 -50.62 -15.72 26.81
N SER C 22 -50.12 -16.96 26.89
CA SER C 22 -49.96 -17.64 28.16
C SER C 22 -48.50 -18.06 28.38
N CYS C 23 -48.04 -17.91 29.63
CA CYS C 23 -46.73 -18.34 30.09
C CYS C 23 -46.94 -19.23 31.32
N ARG C 24 -46.26 -20.36 31.38
CA ARG C 24 -46.39 -21.25 32.54
C ARG C 24 -45.04 -21.82 32.93
N ALA C 25 -44.84 -21.95 34.24
CA ALA C 25 -43.60 -22.42 34.85
C ALA C 25 -43.81 -23.78 35.51
N THR C 26 -42.70 -24.52 35.63
CA THR C 26 -42.75 -25.83 36.24
C THR C 26 -43.05 -25.75 37.75
N GLN C 27 -42.52 -24.73 38.42
CA GLN C 27 -42.75 -24.51 39.84
C GLN C 27 -43.19 -23.06 40.06
N ARG C 28 -43.67 -22.78 41.27
CA ARG C 28 -44.26 -21.47 41.55
C ARG C 28 -43.26 -20.35 41.39
N VAL C 29 -43.71 -19.25 40.81
CA VAL C 29 -42.97 -18.01 40.69
C VAL C 29 -43.84 -16.91 41.30
N GLY C 30 -43.24 -16.09 42.16
CA GLY C 30 -44.01 -15.05 42.82
C GLY C 30 -44.57 -14.06 41.82
N SER C 31 -45.67 -13.42 42.21
CA SER C 31 -46.40 -12.52 41.31
C SER C 31 -45.72 -11.18 41.14
N ASP C 32 -44.55 -10.99 41.76
CA ASP C 32 -43.73 -9.80 41.57
C ASP C 32 -42.51 -10.08 40.70
N TYR C 33 -42.41 -11.29 40.15
CA TYR C 33 -41.17 -11.73 39.50
C TYR C 33 -41.44 -12.26 38.10
N LEU C 34 -42.48 -11.74 37.43
CA LEU C 34 -42.83 -12.16 36.09
C LEU C 34 -43.03 -10.93 35.21
N ALA C 35 -42.32 -10.89 34.08
CA ALA C 35 -42.36 -9.77 33.15
C ALA C 35 -42.60 -10.28 31.74
N TRP C 36 -42.98 -9.36 30.86
CA TRP C 36 -43.26 -9.65 29.46
C TRP C 36 -42.49 -8.68 28.57
N TYR C 37 -41.87 -9.21 27.52
CA TYR C 37 -41.10 -8.39 26.59
C TYR C 37 -41.63 -8.55 25.17
N GLN C 38 -41.39 -7.52 24.36
CA GLN C 38 -41.75 -7.50 22.95
C GLN C 38 -40.50 -7.23 22.13
N GLN C 39 -40.36 -7.95 21.02
CA GLN C 39 -39.24 -7.75 20.11
C GLN C 39 -39.72 -7.82 18.67
N ARG C 40 -39.61 -6.72 17.95
CA ARG C 40 -39.87 -6.65 16.53
C ARG C 40 -38.59 -6.99 15.76
N PRO C 41 -38.72 -7.40 14.49
CA PRO C 41 -37.54 -7.80 13.72
C PRO C 41 -36.49 -6.71 13.65
N GLY C 42 -35.27 -7.06 14.04
CA GLY C 42 -34.13 -6.18 13.93
C GLY C 42 -34.00 -5.13 15.02
N GLN C 43 -34.80 -5.21 16.06
CA GLN C 43 -34.75 -4.22 17.13
C GLN C 43 -34.48 -4.89 18.47
N SER C 44 -34.06 -4.08 19.43
CA SER C 44 -33.84 -4.57 20.78
C SER C 44 -35.19 -4.82 21.46
N PRO C 45 -35.23 -5.74 22.43
CA PRO C 45 -36.49 -6.01 23.14
C PRO C 45 -36.95 -4.80 23.93
N ARG C 46 -38.25 -4.80 24.24
CA ARG C 46 -38.86 -3.72 25.00
C ARG C 46 -39.75 -4.32 26.08
N LEU C 47 -39.68 -3.74 27.28
CA LEU C 47 -40.48 -4.20 28.40
C LEU C 47 -41.91 -3.73 28.25
N LEU C 48 -42.86 -4.67 28.27
CA LEU C 48 -44.28 -4.36 28.21
C LEU C 48 -44.87 -4.22 29.61
N VAL C 49 -44.84 -5.30 30.39
CA VAL C 49 -45.33 -5.28 31.76
C VAL C 49 -44.28 -5.88 32.68
N TYR C 50 -44.38 -5.51 33.95
CA TYR C 50 -43.49 -6.02 34.98
C TYR C 50 -44.30 -6.27 36.25
N GLY C 51 -43.79 -7.15 37.09
CA GLY C 51 -44.54 -7.51 38.29
C GLY C 51 -45.88 -8.12 37.97
N THR C 52 -45.95 -8.94 36.91
CA THR C 52 -47.16 -9.60 36.44
C THR C 52 -48.15 -8.64 35.79
N SER C 53 -48.60 -7.61 36.53
CA SER C 53 -49.77 -6.85 36.11
C SER C 53 -49.50 -5.40 35.71
N ARG C 54 -48.38 -4.80 36.13
CA ARG C 54 -48.15 -3.39 35.87
C ARG C 54 -47.24 -3.21 34.66
N ARG C 55 -47.60 -2.24 33.81
CA ARG C 55 -46.91 -2.00 32.56
C ARG C 55 -45.81 -0.95 32.72
N ALA C 56 -44.80 -1.06 31.86
CA ALA C 56 -43.71 -0.09 31.81
C ALA C 56 -44.17 1.22 31.19
N ALA C 57 -43.32 2.23 31.30
CA ALA C 57 -43.65 3.57 30.84
C ALA C 57 -43.82 3.61 29.32
N GLY C 58 -44.76 4.44 28.87
CA GLY C 58 -44.99 4.62 27.45
C GLY C 58 -45.63 3.44 26.76
N ILE C 59 -46.28 2.56 27.50
CA ILE C 59 -46.94 1.38 26.95
C ILE C 59 -48.44 1.66 26.87
N PRO C 60 -49.08 1.44 25.74
CA PRO C 60 -50.52 1.72 25.62
C PRO C 60 -51.35 0.90 26.60
N ASP C 61 -52.63 1.26 26.71
CA ASP C 61 -53.54 0.61 27.63
C ASP C 61 -54.07 -0.73 27.12
N ARG C 62 -53.86 -1.05 25.84
CA ARG C 62 -54.32 -2.32 25.31
C ARG C 62 -53.61 -3.50 25.97
N PHE C 63 -52.36 -3.32 26.36
CA PHE C 63 -51.57 -4.39 26.95
C PHE C 63 -51.93 -4.55 28.42
N SER C 64 -52.36 -5.76 28.80
CA SER C 64 -52.79 -6.06 30.16
C SER C 64 -52.06 -7.29 30.66
N GLY C 65 -51.45 -7.18 31.83
CA GLY C 65 -50.77 -8.31 32.47
C GLY C 65 -51.67 -8.97 33.50
N SER C 66 -51.57 -10.29 33.60
CA SER C 66 -52.42 -11.05 34.50
C SER C 66 -51.73 -12.37 34.86
N GLY C 67 -52.33 -13.09 35.79
CA GLY C 67 -51.86 -14.39 36.20
C GLY C 67 -51.26 -14.36 37.61
N SER C 68 -50.99 -15.57 38.11
CA SER C 68 -50.38 -15.71 39.43
C SER C 68 -49.90 -17.14 39.60
N GLY C 69 -49.01 -17.33 40.57
CA GLY C 69 -48.52 -18.64 40.93
C GLY C 69 -47.65 -19.30 39.87
N THR C 70 -48.26 -20.21 39.10
CA THR C 70 -47.55 -20.96 38.07
C THR C 70 -48.05 -20.66 36.67
N ASP C 71 -49.10 -19.85 36.52
CA ASP C 71 -49.69 -19.52 35.24
C ASP C 71 -49.82 -18.01 35.11
N PHE C 72 -49.26 -17.45 34.05
CA PHE C 72 -49.35 -16.01 33.77
C PHE C 72 -49.81 -15.79 32.34
N THR C 73 -50.58 -14.72 32.14
CA THR C 73 -51.12 -14.40 30.83
C THR C 73 -50.87 -12.93 30.50
N LEU C 74 -50.52 -12.69 29.23
CA LEU C 74 -50.44 -11.34 28.67
C LEU C 74 -51.57 -11.15 27.67
N THR C 75 -52.32 -10.05 27.81
CA THR C 75 -53.49 -9.78 26.99
C THR C 75 -53.26 -8.52 26.15
N ILE C 76 -53.59 -8.61 24.86
CA ILE C 76 -53.55 -7.47 23.94
C ILE C 76 -54.98 -7.14 23.51
N ASP C 77 -55.49 -6.00 23.97
CA ASP C 77 -56.91 -5.69 23.81
C ASP C 77 -57.27 -5.39 22.36
N ARG C 78 -56.74 -4.31 21.79
CA ARG C 78 -57.04 -3.92 20.42
C ARG C 78 -55.74 -3.83 19.64
N LEU C 79 -55.59 -4.70 18.64
CA LEU C 79 -54.32 -4.78 17.91
C LEU C 79 -54.10 -3.60 16.99
N GLU C 80 -52.86 -3.12 16.98
CA GLU C 80 -52.36 -2.16 16.01
C GLU C 80 -51.27 -2.83 15.19
N PRO C 81 -51.05 -2.41 13.95
CA PRO C 81 -50.02 -3.05 13.13
C PRO C 81 -48.63 -3.08 13.78
N GLU C 82 -48.40 -2.19 14.74
CA GLU C 82 -47.14 -2.18 15.47
C GLU C 82 -47.05 -3.29 16.50
N ASP C 83 -48.15 -4.00 16.78
CA ASP C 83 -48.17 -5.05 17.78
C ASP C 83 -47.78 -6.41 17.25
N PHE C 84 -47.34 -6.49 15.98
CA PHE C 84 -46.95 -7.76 15.40
C PHE C 84 -45.45 -7.96 15.66
N ALA C 85 -45.14 -8.81 16.61
CA ALA C 85 -43.75 -9.08 16.98
C ALA C 85 -43.70 -10.43 17.70
N VAL C 86 -42.58 -10.69 18.36
CA VAL C 86 -42.40 -11.89 19.17
C VAL C 86 -42.43 -11.46 20.63
N TYR C 87 -43.17 -12.20 21.47
CA TYR C 87 -43.36 -11.83 22.87
C TYR C 87 -42.76 -12.91 23.76
N TYR C 88 -41.84 -12.50 24.63
CA TYR C 88 -41.19 -13.39 25.58
C TYR C 88 -41.60 -13.03 27.01
N CYS C 89 -41.79 -14.06 27.83
CA CYS C 89 -42.00 -13.87 29.26
C CYS C 89 -40.69 -14.16 29.99
N ARG C 90 -40.47 -13.44 31.08
CA ARG C 90 -39.21 -13.54 31.82
C ARG C 90 -39.50 -13.61 33.31
N GLN C 91 -38.87 -14.56 33.98
CA GLN C 91 -38.90 -14.69 35.43
C GLN C 91 -37.59 -14.16 36.01
N TYR C 92 -37.66 -13.70 37.25
CA TYR C 92 -36.47 -13.20 37.94
C TYR C 92 -36.62 -13.44 39.44
N GLU C 93 -36.73 -14.70 39.85
CA GLU C 93 -36.74 -15.05 41.27
C GLU C 93 -35.59 -15.99 41.62
N THR C 94 -35.81 -17.30 41.47
CA THR C 94 -34.73 -18.27 41.67
C THR C 94 -33.89 -18.45 40.41
N SER C 95 -34.55 -18.64 39.27
CA SER C 95 -33.90 -18.70 37.97
C SER C 95 -34.34 -17.48 37.16
N PHE C 96 -33.52 -17.10 36.19
CA PHE C 96 -33.71 -15.84 35.47
C PHE C 96 -33.79 -16.04 33.97
N SER C 97 -34.35 -17.17 33.54
CA SER C 97 -34.38 -17.53 32.13
C SER C 97 -35.62 -16.94 31.44
N PHE C 98 -35.51 -16.80 30.12
CA PHE C 98 -36.61 -16.35 29.27
C PHE C 98 -37.44 -17.54 28.77
N GLY C 99 -38.62 -17.22 28.26
CA GLY C 99 -39.48 -18.21 27.65
C GLY C 99 -39.13 -18.43 26.20
N PRO C 100 -39.73 -19.46 25.58
CA PRO C 100 -39.40 -19.76 24.18
C PRO C 100 -39.80 -18.68 23.19
N GLY C 101 -40.88 -17.96 23.46
CA GLY C 101 -41.35 -16.94 22.54
C GLY C 101 -42.68 -17.32 21.92
N THR C 102 -43.46 -16.31 21.58
CA THR C 102 -44.71 -16.49 20.83
C THR C 102 -44.75 -15.48 19.69
N ARG C 103 -44.93 -15.96 18.47
CA ARG C 103 -44.93 -15.12 17.29
C ARG C 103 -46.33 -14.65 16.98
N VAL C 104 -46.50 -13.34 16.79
CA VAL C 104 -47.79 -12.74 16.45
C VAL C 104 -47.65 -12.14 15.06
N ASP C 105 -48.35 -12.72 14.08
CA ASP C 105 -48.27 -12.27 12.70
C ASP C 105 -49.65 -11.91 12.18
N LEU C 106 -49.67 -11.25 11.03
CA LEU C 106 -50.92 -10.77 10.44
C LEU C 106 -51.67 -11.93 9.79
N LYS C 107 -52.93 -12.11 10.19
CA LYS C 107 -53.75 -13.14 9.59
C LYS C 107 -54.12 -12.75 8.16
N ARG C 108 -54.00 -13.70 7.25
CA ARG C 108 -54.23 -13.49 5.83
C ARG C 108 -54.94 -14.73 5.30
N THR C 109 -55.60 -14.61 4.15
CA THR C 109 -56.14 -15.79 3.51
C THR C 109 -55.01 -16.75 3.16
N VAL C 110 -55.31 -18.05 3.20
CA VAL C 110 -54.31 -19.06 2.90
C VAL C 110 -53.84 -18.92 1.46
N ALA C 111 -52.52 -19.03 1.27
CA ALA C 111 -51.90 -18.95 -0.05
C ALA C 111 -50.89 -20.09 -0.17
N ALA C 112 -51.06 -20.95 -1.17
CA ALA C 112 -50.12 -22.03 -1.38
C ALA C 112 -48.82 -21.51 -1.98
N PRO C 113 -47.69 -22.16 -1.70
CA PRO C 113 -46.42 -21.68 -2.24
C PRO C 113 -46.36 -21.84 -3.75
N SER C 114 -45.61 -20.94 -4.38
CA SER C 114 -45.17 -21.13 -5.76
C SER C 114 -43.78 -21.73 -5.69
N VAL C 115 -43.66 -23.00 -6.05
CA VAL C 115 -42.42 -23.74 -5.89
C VAL C 115 -41.59 -23.60 -7.15
N PHE C 116 -40.32 -23.26 -6.99
CA PHE C 116 -39.38 -23.16 -8.09
C PHE C 116 -38.12 -23.92 -7.71
N ILE C 117 -37.48 -24.56 -8.69
CA ILE C 117 -36.26 -25.30 -8.44
C ILE C 117 -35.19 -24.82 -9.41
N PHE C 118 -33.98 -24.63 -8.89
CA PHE C 118 -32.87 -24.08 -9.66
C PHE C 118 -31.71 -25.05 -9.67
N PRO C 119 -31.32 -25.57 -10.84
CA PRO C 119 -30.16 -26.47 -10.91
C PRO C 119 -28.88 -25.71 -10.65
N PRO C 120 -27.78 -26.41 -10.33
CA PRO C 120 -26.51 -25.72 -10.17
C PRO C 120 -26.09 -25.04 -11.46
N SER C 121 -25.48 -23.87 -11.31
CA SER C 121 -24.97 -23.13 -12.44
C SER C 121 -23.71 -23.78 -13.00
N ASP C 122 -23.50 -23.60 -14.30
CA ASP C 122 -22.30 -24.14 -14.93
C ASP C 122 -21.04 -23.58 -14.31
N GLU C 123 -21.09 -22.32 -13.86
CA GLU C 123 -19.93 -21.72 -13.21
C GLU C 123 -19.56 -22.46 -11.94
N GLN C 124 -20.56 -22.85 -11.14
CA GLN C 124 -20.29 -23.53 -9.88
C GLN C 124 -19.69 -24.90 -10.10
N LEU C 125 -20.15 -25.61 -11.14
CA LEU C 125 -19.63 -26.95 -11.38
C LEU C 125 -18.13 -26.92 -11.71
N LYS C 126 -17.59 -25.77 -12.11
CA LYS C 126 -16.15 -25.62 -12.24
C LYS C 126 -15.45 -25.49 -10.90
N SER C 127 -16.20 -25.29 -9.81
CA SER C 127 -15.59 -25.12 -8.50
C SER C 127 -15.49 -26.40 -7.69
N GLY C 128 -16.19 -27.46 -8.08
CA GLY C 128 -16.16 -28.71 -7.36
C GLY C 128 -17.28 -28.90 -6.36
N THR C 129 -18.27 -28.03 -6.36
CA THR C 129 -19.42 -28.12 -5.47
C THR C 129 -20.68 -27.90 -6.30
N ALA C 130 -21.74 -28.62 -5.95
CA ALA C 130 -23.04 -28.45 -6.58
C ALA C 130 -24.09 -28.09 -5.53
N SER C 131 -24.81 -27.00 -5.74
CA SER C 131 -25.86 -26.53 -4.83
C SER C 131 -27.16 -26.41 -5.61
N VAL C 132 -28.13 -27.23 -5.25
CA VAL C 132 -29.47 -27.15 -5.81
C VAL C 132 -30.32 -26.31 -4.87
N VAL C 133 -31.16 -25.44 -5.44
CA VAL C 133 -31.94 -24.49 -4.65
C VAL C 133 -33.42 -24.70 -4.94
N CYS C 134 -34.21 -24.86 -3.89
CA CYS C 134 -35.67 -24.90 -3.98
C CYS C 134 -36.21 -23.59 -3.41
N LEU C 135 -37.17 -22.99 -4.11
CA LEU C 135 -37.75 -21.71 -3.70
C LEU C 135 -39.25 -21.89 -3.49
N LEU C 136 -39.71 -21.53 -2.30
CA LEU C 136 -41.13 -21.47 -1.98
C LEU C 136 -41.51 -20.02 -1.82
N ASN C 137 -42.36 -19.51 -2.71
CA ASN C 137 -42.58 -18.08 -2.81
C ASN C 137 -43.99 -17.70 -2.37
N ASN C 138 -44.08 -16.71 -1.50
CA ASN C 138 -45.33 -16.02 -1.16
C ASN C 138 -46.43 -17.01 -0.74
N PHE C 139 -46.19 -17.65 0.41
CA PHE C 139 -47.15 -18.57 0.99
C PHE C 139 -47.60 -18.07 2.36
N TYR C 140 -48.71 -18.63 2.82
CA TYR C 140 -49.22 -18.42 4.16
C TYR C 140 -50.11 -19.62 4.48
N PRO C 141 -50.03 -20.17 5.71
CA PRO C 141 -49.28 -19.76 6.90
C PRO C 141 -47.77 -19.92 6.78
N ARG C 142 -47.05 -19.49 7.81
CA ARG C 142 -45.60 -19.56 7.78
C ARG C 142 -45.09 -20.99 7.80
N GLU C 143 -45.84 -21.91 8.40
CA GLU C 143 -45.37 -23.27 8.59
C GLU C 143 -45.30 -24.02 7.27
N ALA C 144 -44.10 -24.44 6.88
CA ALA C 144 -43.90 -25.25 5.69
C ALA C 144 -42.78 -26.24 5.93
N LYS C 145 -42.73 -27.26 5.09
CA LYS C 145 -41.77 -28.36 5.21
C LYS C 145 -41.23 -28.68 3.82
N VAL C 146 -39.91 -28.87 3.73
CA VAL C 146 -39.25 -29.21 2.47
C VAL C 146 -38.42 -30.48 2.68
N GLN C 147 -38.49 -31.40 1.71
CA GLN C 147 -37.64 -32.58 1.69
C GLN C 147 -37.02 -32.74 0.32
N TRP C 148 -35.84 -33.34 0.29
CA TRP C 148 -35.03 -33.46 -0.93
C TRP C 148 -34.88 -34.93 -1.29
N LYS C 149 -35.05 -35.24 -2.58
CA LYS C 149 -34.86 -36.60 -3.10
C LYS C 149 -33.88 -36.52 -4.26
N VAL C 150 -32.67 -37.06 -4.07
CA VAL C 150 -31.62 -36.99 -5.09
C VAL C 150 -31.77 -37.94 -6.28
N ASP C 151 -32.48 -39.06 -6.16
CA ASP C 151 -32.99 -39.79 -7.29
C ASP C 151 -33.98 -40.82 -6.84
N ASN C 152 -34.90 -41.21 -7.72
CA ASN C 152 -35.88 -42.28 -7.46
C ASN C 152 -36.65 -41.78 -6.24
N ALA C 153 -36.71 -42.62 -5.23
CA ALA C 153 -37.21 -42.31 -3.91
C ALA C 153 -36.15 -41.87 -2.89
N LEU C 154 -34.87 -41.94 -3.24
CA LEU C 154 -33.79 -41.74 -2.28
C LEU C 154 -33.79 -40.29 -1.82
N GLN C 155 -33.89 -40.11 -0.51
CA GLN C 155 -34.00 -38.79 0.08
C GLN C 155 -32.82 -38.55 1.01
N SER C 156 -32.35 -37.31 1.02
CA SER C 156 -31.06 -36.97 1.60
C SER C 156 -31.21 -36.46 3.03
N GLY C 157 -30.06 -36.29 3.69
CA GLY C 157 -30.02 -35.86 5.07
C GLY C 157 -29.11 -34.69 5.39
N ASN C 158 -28.70 -33.89 4.39
CA ASN C 158 -27.89 -32.71 4.68
C ASN C 158 -28.27 -31.56 3.74
N SER C 159 -29.08 -30.63 4.25
CA SER C 159 -29.53 -29.44 3.56
C SER C 159 -29.86 -28.38 4.61
N GLN C 160 -30.04 -27.13 4.16
CA GLN C 160 -30.33 -26.03 5.07
C GLN C 160 -31.38 -25.10 4.49
N GLU C 161 -32.14 -24.45 5.38
CA GLU C 161 -33.28 -23.61 5.00
C GLU C 161 -33.23 -22.28 5.74
N SER C 162 -33.85 -21.26 5.13
CA SER C 162 -34.08 -19.98 5.77
C SER C 162 -35.39 -19.41 5.23
N VAL C 163 -36.03 -18.56 6.02
CA VAL C 163 -37.36 -18.03 5.70
C VAL C 163 -37.36 -16.53 5.91
N THR C 164 -38.06 -15.81 5.04
CA THR C 164 -38.15 -14.35 5.17
C THR C 164 -39.13 -13.97 6.27
N GLU C 165 -39.06 -12.70 6.66
CA GLU C 165 -40.09 -12.12 7.52
C GLU C 165 -41.37 -11.86 6.72
N GLN C 166 -42.47 -11.70 7.45
CA GLN C 166 -43.76 -11.49 6.81
C GLN C 166 -43.77 -10.19 6.01
N ASP C 167 -44.18 -10.30 4.75
CA ASP C 167 -44.16 -9.16 3.84
C ASP C 167 -45.13 -8.07 4.32
N SER C 168 -44.71 -6.81 4.15
CA SER C 168 -45.54 -5.69 4.57
C SER C 168 -46.80 -5.56 3.72
N LYS C 169 -46.69 -5.78 2.41
CA LYS C 169 -47.81 -5.67 1.50
C LYS C 169 -48.52 -7.02 1.31
N ASP C 170 -47.77 -8.04 0.91
CA ASP C 170 -48.37 -9.34 0.58
C ASP C 170 -48.84 -10.09 1.82
N SER C 171 -48.23 -9.82 2.98
CA SER C 171 -48.49 -10.56 4.22
C SER C 171 -48.15 -12.03 4.08
N THR C 172 -47.21 -12.36 3.20
CA THR C 172 -46.79 -13.73 2.95
C THR C 172 -45.36 -13.96 3.43
N TYR C 173 -44.94 -15.22 3.36
CA TYR C 173 -43.58 -15.61 3.67
C TYR C 173 -42.97 -16.30 2.45
N SER C 174 -41.64 -16.35 2.44
CA SER C 174 -40.92 -17.09 1.41
C SER C 174 -39.78 -17.85 2.07
N LEU C 175 -39.51 -19.05 1.54
CA LEU C 175 -38.53 -19.96 2.09
C LEU C 175 -37.67 -20.51 0.97
N SER C 176 -36.39 -20.73 1.25
CA SER C 176 -35.45 -21.30 0.30
C SER C 176 -34.70 -22.44 0.99
N SER C 177 -34.65 -23.58 0.32
CA SER C 177 -33.89 -24.74 0.78
C SER C 177 -32.74 -25.02 -0.19
N THR C 178 -31.54 -25.20 0.35
CA THR C 178 -30.36 -25.45 -0.47
C THR C 178 -29.84 -26.84 -0.18
N LEU C 179 -29.71 -27.67 -1.21
CA LEU C 179 -29.13 -29.01 -1.11
C LEU C 179 -27.69 -28.95 -1.58
N THR C 180 -26.77 -29.38 -0.72
CA THR C 180 -25.35 -29.34 -1.02
C THR C 180 -24.84 -30.74 -1.29
N LEU C 181 -24.37 -30.98 -2.52
CA LEU C 181 -23.75 -32.24 -2.92
C LEU C 181 -22.38 -31.95 -3.51
N SER C 182 -21.55 -32.98 -3.58
CA SER C 182 -20.28 -32.84 -4.27
C SER C 182 -20.51 -32.89 -5.78
N LYS C 183 -19.54 -32.37 -6.52
CA LYS C 183 -19.65 -32.38 -7.97
C LYS C 183 -19.68 -33.81 -8.51
N ALA C 184 -18.95 -34.73 -7.88
CA ALA C 184 -19.02 -36.13 -8.28
C ALA C 184 -20.41 -36.69 -8.07
N ASP C 185 -20.98 -36.48 -6.88
CA ASP C 185 -22.33 -36.98 -6.61
C ASP C 185 -23.34 -36.34 -7.55
N TYR C 186 -23.21 -35.05 -7.82
CA TYR C 186 -24.22 -34.39 -8.64
C TYR C 186 -24.19 -34.94 -10.06
N GLU C 187 -23.00 -35.07 -10.64
CA GLU C 187 -22.88 -35.55 -12.01
C GLU C 187 -23.35 -36.99 -12.16
N LYS C 188 -23.36 -37.75 -11.06
CA LYS C 188 -23.73 -39.16 -11.14
C LYS C 188 -25.24 -39.33 -11.31
N HIS C 189 -26.04 -38.50 -10.65
CA HIS C 189 -27.47 -38.71 -10.55
C HIS C 189 -28.26 -37.79 -11.47
N LYS C 190 -29.45 -38.26 -11.85
CA LYS C 190 -30.23 -37.61 -12.90
C LYS C 190 -31.32 -36.71 -12.32
N VAL C 191 -32.19 -37.27 -11.48
CA VAL C 191 -33.44 -36.63 -11.08
C VAL C 191 -33.29 -35.99 -9.72
N TYR C 192 -33.45 -34.66 -9.66
CA TYR C 192 -33.34 -33.91 -8.41
C TYR C 192 -34.69 -33.31 -8.11
N ALA C 193 -35.29 -33.71 -7.00
CA ALA C 193 -36.67 -33.37 -6.67
C ALA C 193 -36.76 -32.66 -5.33
N CYS C 194 -37.76 -31.79 -5.22
CA CYS C 194 -38.03 -31.00 -4.02
C CYS C 194 -39.48 -31.26 -3.64
N GLU C 195 -39.71 -31.87 -2.49
CA GLU C 195 -41.05 -32.19 -2.03
C GLU C 195 -41.47 -31.19 -0.96
N VAL C 196 -42.61 -30.54 -1.17
CA VAL C 196 -43.04 -29.41 -0.36
C VAL C 196 -44.37 -29.74 0.29
N THR C 197 -44.45 -29.52 1.60
CA THR C 197 -45.68 -29.69 2.36
C THR C 197 -46.13 -28.34 2.90
N HIS C 198 -47.40 -28.02 2.69
CA HIS C 198 -47.95 -26.75 3.16
C HIS C 198 -49.46 -26.87 3.27
N GLN C 199 -50.05 -26.06 4.14
CA GLN C 199 -51.49 -26.14 4.39
C GLN C 199 -52.30 -25.84 3.14
N GLY C 200 -51.78 -25.02 2.23
CA GLY C 200 -52.49 -24.75 1.00
C GLY C 200 -52.40 -25.84 -0.04
N LEU C 201 -51.62 -26.89 0.22
CA LEU C 201 -51.44 -28.02 -0.68
C LEU C 201 -52.18 -29.22 -0.13
N SER C 202 -53.02 -29.85 -0.96
CA SER C 202 -53.80 -30.99 -0.49
C SER C 202 -52.90 -32.17 -0.12
N SER C 203 -51.88 -32.41 -0.92
CA SER C 203 -50.86 -33.43 -0.71
C SER C 203 -49.52 -32.81 -1.11
N PRO C 204 -48.41 -33.32 -0.58
CA PRO C 204 -47.12 -32.71 -0.88
C PRO C 204 -46.88 -32.60 -2.38
N VAL C 205 -46.37 -31.45 -2.80
CA VAL C 205 -46.06 -31.15 -4.19
C VAL C 205 -44.57 -31.36 -4.44
N THR C 206 -44.25 -32.00 -5.55
CA THR C 206 -42.87 -32.26 -5.92
C THR C 206 -42.51 -31.47 -7.18
N LYS C 207 -41.38 -30.77 -7.13
CA LYS C 207 -40.82 -30.10 -8.29
C LYS C 207 -39.41 -30.64 -8.53
N SER C 208 -39.14 -31.03 -9.77
CA SER C 208 -37.92 -31.74 -10.08
C SER C 208 -37.36 -31.27 -11.40
N PHE C 209 -36.08 -31.60 -11.61
CA PHE C 209 -35.44 -31.42 -12.90
C PHE C 209 -34.52 -32.61 -13.12
N ASN C 210 -34.39 -33.00 -14.38
CA ASN C 210 -33.40 -33.98 -14.78
C ASN C 210 -32.11 -33.25 -15.14
N ARG C 211 -30.97 -33.80 -14.69
CA ARG C 211 -29.71 -33.07 -14.76
C ARG C 211 -29.39 -32.59 -16.18
N GLY C 212 -29.72 -33.38 -17.19
CA GLY C 212 -29.44 -32.98 -18.55
C GLY C 212 -30.36 -31.90 -19.08
N GLU C 213 -31.60 -31.84 -18.58
CA GLU C 213 -32.60 -30.92 -19.09
C GLU C 213 -32.08 -29.49 -19.04
N CYS C 214 -32.29 -28.76 -20.13
CA CYS C 214 -31.93 -27.35 -20.22
C CYS C 214 -33.17 -26.56 -20.63
N VAL D 2 -32.48 8.57 28.90
CA VAL D 2 -31.87 7.42 29.56
C VAL D 2 -31.42 6.43 28.50
N GLN D 3 -30.10 6.32 28.28
CA GLN D 3 -29.58 5.44 27.24
C GLN D 3 -28.43 4.59 27.78
N LEU D 4 -28.15 3.51 27.06
CA LEU D 4 -27.01 2.65 27.33
C LEU D 4 -26.37 2.27 26.00
N VAL D 5 -25.04 2.33 25.97
CA VAL D 5 -24.27 2.00 24.77
C VAL D 5 -23.28 0.90 25.10
N GLU D 6 -23.03 0.03 24.12
CA GLU D 6 -22.15 -1.11 24.29
C GLU D 6 -20.98 -1.03 23.32
N SER D 7 -19.89 -1.69 23.69
CA SER D 7 -18.68 -1.81 22.87
C SER D 7 -17.94 -3.08 23.26
N GLY D 8 -16.98 -3.48 22.41
CA GLY D 8 -16.15 -4.64 22.67
C GLY D 8 -16.49 -5.92 21.93
N GLY D 9 -17.57 -5.96 21.17
CA GLY D 9 -17.91 -7.20 20.43
C GLY D 9 -17.08 -7.36 19.16
N GLY D 10 -16.64 -8.59 18.91
CA GLY D 10 -15.89 -8.85 17.70
C GLY D 10 -15.74 -10.33 17.41
N LEU D 11 -14.85 -10.63 16.45
CA LEU D 11 -14.57 -11.99 16.03
C LEU D 11 -13.45 -12.60 16.87
N VAL D 12 -13.67 -13.82 17.35
CA VAL D 12 -12.72 -14.52 18.21
C VAL D 12 -12.65 -15.98 17.77
N LYS D 13 -11.45 -16.54 17.76
CA LYS D 13 -11.32 -17.97 17.48
C LYS D 13 -11.86 -18.80 18.63
N PRO D 14 -12.21 -20.07 18.37
CA PRO D 14 -12.83 -20.89 19.42
C PRO D 14 -12.06 -20.94 20.72
N GLY D 15 -10.75 -21.13 20.68
CA GLY D 15 -10.00 -21.16 21.92
C GLY D 15 -9.87 -19.81 22.62
N GLY D 16 -10.18 -18.72 21.93
CA GLY D 16 -9.87 -17.39 22.42
C GLY D 16 -10.77 -16.92 23.57
N SER D 17 -10.58 -15.64 23.91
CA SER D 17 -11.29 -14.97 24.99
C SER D 17 -11.66 -13.57 24.53
N LEU D 18 -12.65 -12.97 25.19
CA LEU D 18 -13.14 -11.66 24.79
C LEU D 18 -13.74 -10.94 25.99
N ARG D 19 -13.75 -9.61 25.91
CA ARG D 19 -14.32 -8.74 26.93
C ARG D 19 -15.33 -7.79 26.30
N LEU D 20 -16.41 -7.50 27.03
CA LEU D 20 -17.48 -6.66 26.52
C LEU D 20 -17.96 -5.72 27.62
N SER D 21 -18.25 -4.47 27.26
CA SER D 21 -18.53 -3.42 28.23
C SER D 21 -19.71 -2.58 27.75
N CYS D 22 -20.43 -1.98 28.70
CA CYS D 22 -21.53 -1.09 28.38
C CYS D 22 -21.62 0.03 29.41
N VAL D 23 -21.59 1.28 28.94
CA VAL D 23 -21.64 2.47 29.78
C VAL D 23 -22.95 3.19 29.52
N GLY D 24 -23.56 3.70 30.59
CA GLY D 24 -24.85 4.36 30.54
C GLY D 24 -24.79 5.85 30.83
N SER D 25 -25.97 6.46 30.80
CA SER D 25 -26.13 7.88 31.07
C SER D 25 -27.42 8.10 31.86
N GLU D 26 -27.41 9.15 32.68
CA GLU D 26 -28.57 9.57 33.48
C GLU D 26 -29.01 8.48 34.47
N PHE D 27 -28.05 7.85 35.14
CA PHE D 27 -28.35 6.92 36.22
C PHE D 27 -27.08 6.37 36.88
N THR D 28 -27.27 5.84 38.09
CA THR D 28 -26.33 5.05 38.86
C THR D 28 -26.86 3.62 39.00
N PHE D 29 -25.96 2.63 39.06
CA PHE D 29 -26.41 1.24 39.01
C PHE D 29 -26.07 0.41 40.25
N SER D 30 -25.55 1.02 41.32
CA SER D 30 -25.34 0.28 42.56
C SER D 30 -26.64 -0.17 43.21
N ASP D 31 -27.77 0.44 42.86
CA ASP D 31 -29.06 0.09 43.47
C ASP D 31 -29.93 -0.78 42.59
N ALA D 32 -29.81 -0.67 41.28
CA ALA D 32 -30.52 -1.49 40.33
C ALA D 32 -29.62 -2.63 39.88
N TRP D 33 -30.22 -3.77 39.58
CA TRP D 33 -29.44 -4.92 39.19
C TRP D 33 -29.34 -4.97 37.66
N MET D 34 -28.23 -5.51 37.18
CA MET D 34 -27.87 -5.46 35.78
C MET D 34 -28.00 -6.85 35.18
N THR D 35 -28.32 -6.90 33.88
CA THR D 35 -28.54 -8.18 33.21
C THR D 35 -27.81 -8.22 31.87
N TRP D 36 -27.22 -9.37 31.57
CA TRP D 36 -26.64 -9.67 30.28
C TRP D 36 -27.47 -10.75 29.60
N VAL D 37 -27.92 -10.48 28.38
CA VAL D 37 -28.67 -11.45 27.59
C VAL D 37 -28.10 -11.50 26.18
N ARG D 38 -28.27 -12.65 25.53
CA ARG D 38 -27.78 -12.86 24.18
C ARG D 38 -28.89 -13.44 23.32
N GLN D 39 -28.68 -13.37 22.00
CA GLN D 39 -29.63 -13.87 21.02
C GLN D 39 -28.84 -14.48 19.87
N ALA D 40 -28.88 -15.80 19.75
CA ALA D 40 -28.24 -16.45 18.62
C ALA D 40 -29.00 -16.11 17.34
N PRO D 41 -28.35 -16.22 16.17
CA PRO D 41 -29.04 -15.88 14.92
C PRO D 41 -30.34 -16.64 14.70
N GLY D 42 -31.44 -15.92 14.59
CA GLY D 42 -32.72 -16.52 14.31
C GLY D 42 -33.35 -17.27 15.46
N LYS D 43 -32.79 -17.18 16.65
CA LYS D 43 -33.31 -17.88 17.81
C LYS D 43 -33.87 -16.86 18.81
N GLY D 44 -34.28 -17.35 19.98
CA GLY D 44 -34.93 -16.53 20.97
C GLY D 44 -33.95 -15.92 21.95
N LEU D 45 -34.50 -15.07 22.82
CA LEU D 45 -33.70 -14.44 23.86
C LEU D 45 -33.22 -15.47 24.88
N GLU D 46 -31.95 -15.39 25.24
CA GLU D 46 -31.36 -16.29 26.22
C GLU D 46 -30.64 -15.47 27.27
N TRP D 47 -31.00 -15.68 28.53
CA TRP D 47 -30.35 -14.98 29.64
C TRP D 47 -28.98 -15.59 29.88
N VAL D 48 -27.94 -14.75 29.87
CA VAL D 48 -26.57 -15.24 29.98
C VAL D 48 -26.13 -15.35 31.43
N GLY D 49 -26.28 -14.27 32.19
CA GLY D 49 -25.90 -14.30 33.58
C GLY D 49 -25.82 -12.90 34.14
N HIS D 50 -25.83 -12.78 35.46
CA HIS D 50 -25.68 -11.48 36.08
C HIS D 50 -25.24 -11.67 37.53
N MET D 51 -24.93 -10.55 38.18
CA MET D 51 -24.63 -10.54 39.61
C MET D 51 -25.27 -9.29 40.18
N ARG D 52 -26.24 -9.45 41.08
CA ARG D 52 -26.88 -8.31 41.71
C ARG D 52 -25.85 -7.53 42.54
N ASP D 61 -25.02 -15.19 39.46
CA ASP D 61 -25.96 -15.99 38.68
C ASP D 61 -25.39 -16.25 37.30
N TYR D 62 -25.51 -17.50 36.85
CA TYR D 62 -25.02 -17.91 35.54
C TYR D 62 -26.08 -18.71 34.80
N ALA D 63 -25.95 -18.75 33.48
CA ALA D 63 -26.68 -19.71 32.68
C ALA D 63 -26.00 -21.07 32.77
N ALA D 64 -26.75 -22.12 32.49
CA ALA D 64 -26.19 -23.46 32.54
C ALA D 64 -25.00 -23.66 31.60
N PRO D 65 -25.05 -23.24 30.33
CA PRO D 65 -23.90 -23.49 29.43
C PRO D 65 -22.67 -22.63 29.71
N VAL D 66 -22.82 -21.47 30.37
CA VAL D 66 -21.71 -20.52 30.50
C VAL D 66 -21.07 -20.52 31.88
N LYS D 67 -21.56 -21.32 32.83
CA LYS D 67 -21.02 -21.28 34.17
C LYS D 67 -19.56 -21.69 34.20
N GLY D 68 -18.76 -20.92 34.94
CA GLY D 68 -17.35 -21.20 35.11
C GLY D 68 -16.42 -20.45 34.17
N ARG D 69 -16.76 -20.41 32.90
CA ARG D 69 -15.91 -19.75 31.90
C ARG D 69 -16.30 -18.30 31.67
N PHE D 70 -17.58 -17.96 31.75
CA PHE D 70 -18.00 -16.56 31.70
C PHE D 70 -18.00 -16.01 33.11
N THR D 71 -17.58 -14.76 33.25
CA THR D 71 -17.56 -14.10 34.56
C THR D 71 -17.94 -12.64 34.40
N VAL D 72 -19.00 -12.23 35.09
CA VAL D 72 -19.45 -10.84 35.07
C VAL D 72 -18.75 -10.08 36.20
N SER D 73 -18.11 -8.97 35.85
CA SER D 73 -17.48 -8.08 36.81
C SER D 73 -18.17 -6.72 36.74
N ARG D 74 -17.92 -5.89 37.73
CA ARG D 74 -18.69 -4.65 37.83
C ARG D 74 -17.88 -3.61 38.61
N ASP D 75 -17.72 -2.42 38.02
CA ASP D 75 -17.03 -1.31 38.66
C ASP D 75 -17.91 -0.07 38.66
N ASP D 76 -18.25 0.40 39.85
CA ASP D 76 -19.04 1.62 40.04
C ASP D 76 -18.23 2.90 39.84
N SER D 77 -16.93 2.79 39.53
CA SER D 77 -16.06 3.97 39.51
C SER D 77 -16.34 4.86 38.32
N LYS D 78 -16.09 4.41 37.10
CA LYS D 78 -16.48 5.18 35.92
C LYS D 78 -17.78 4.70 35.31
N ARG D 79 -18.60 3.99 36.09
CA ARG D 79 -20.01 3.75 35.76
C ARG D 79 -20.16 2.80 34.57
N THR D 80 -19.35 1.74 34.55
CA THR D 80 -19.35 0.77 33.45
C THR D 80 -19.58 -0.62 34.01
N LEU D 81 -20.15 -1.50 33.17
CA LEU D 81 -20.37 -2.90 33.48
C LEU D 81 -19.66 -3.78 32.47
N TYR D 82 -18.95 -4.80 32.96
CA TYR D 82 -18.12 -5.67 32.13
C TYR D 82 -18.66 -7.10 32.14
N LEU D 83 -18.58 -7.76 30.99
CA LEU D 83 -18.79 -9.20 30.88
C LEU D 83 -17.54 -9.82 30.29
N GLN D 84 -16.83 -10.62 31.09
CA GLN D 84 -15.57 -11.25 30.68
C GLN D 84 -15.87 -12.66 30.20
N MET D 85 -15.78 -12.88 28.89
CA MET D 85 -16.04 -14.18 28.28
C MET D 85 -14.71 -14.85 27.97
N ASN D 86 -14.42 -15.95 28.66
CA ASN D 86 -13.17 -16.67 28.51
C ASN D 86 -13.42 -18.05 27.91
N SER D 87 -12.47 -18.51 27.09
CA SER D 87 -12.53 -19.81 26.43
C SER D 87 -13.87 -20.02 25.74
N LEU D 88 -14.13 -19.17 24.74
CA LEU D 88 -15.41 -19.15 24.06
C LEU D 88 -15.67 -20.46 23.31
N LYS D 89 -16.92 -20.63 22.88
CA LYS D 89 -17.31 -21.75 22.04
C LYS D 89 -18.20 -21.23 20.92
N ILE D 90 -18.45 -22.10 19.94
CA ILE D 90 -19.31 -21.72 18.83
C ILE D 90 -20.69 -21.33 19.32
N GLU D 91 -21.23 -22.08 20.28
CA GLU D 91 -22.57 -21.80 20.81
C GLU D 91 -22.68 -20.42 21.44
N ASP D 92 -21.56 -19.76 21.71
CA ASP D 92 -21.58 -18.42 22.30
C ASP D 92 -21.77 -17.34 21.25
N THR D 93 -21.76 -17.69 19.97
CA THR D 93 -22.01 -16.74 18.88
C THR D 93 -23.42 -16.20 18.97
N ALA D 94 -23.57 -14.93 19.29
CA ALA D 94 -24.90 -14.33 19.45
C ALA D 94 -24.76 -12.82 19.45
N VAL D 95 -25.89 -12.14 19.62
CA VAL D 95 -25.94 -10.69 19.79
C VAL D 95 -26.19 -10.41 21.26
N TYR D 96 -25.20 -9.86 21.95
CA TYR D 96 -25.29 -9.65 23.38
C TYR D 96 -25.77 -8.24 23.71
N TYR D 97 -26.66 -8.15 24.69
CA TYR D 97 -27.30 -6.91 25.10
C TYR D 97 -27.03 -6.65 26.58
N CYS D 98 -26.98 -5.38 26.95
CA CYS D 98 -27.03 -4.98 28.35
C CYS D 98 -28.44 -4.49 28.67
N MET D 99 -28.94 -4.89 29.83
CA MET D 99 -30.26 -4.49 30.28
C MET D 99 -30.27 -4.29 31.79
N THR D 100 -30.96 -3.24 32.23
CA THR D 100 -31.15 -2.98 33.65
C THR D 100 -32.45 -2.21 33.87
N ASP D 122 -36.76 0.42 32.31
CA ASP D 122 -35.73 -0.45 31.77
C ASP D 122 -35.04 0.19 30.57
N VAL D 123 -33.76 -0.10 30.40
CA VAL D 123 -32.97 0.42 29.29
C VAL D 123 -32.20 -0.73 28.67
N TRP D 124 -32.09 -0.71 27.34
CA TRP D 124 -31.40 -1.76 26.60
C TRP D 124 -30.29 -1.17 25.75
N GLY D 125 -29.18 -1.89 25.68
CA GLY D 125 -28.10 -1.51 24.81
C GLY D 125 -28.46 -1.69 23.35
N LYS D 126 -27.54 -1.25 22.49
CA LYS D 126 -27.72 -1.37 21.05
C LYS D 126 -27.36 -2.76 20.55
N GLY D 127 -26.63 -3.52 21.35
CA GLY D 127 -26.24 -4.88 20.98
C GLY D 127 -24.92 -4.87 20.22
N THR D 128 -24.13 -5.90 20.46
CA THR D 128 -22.88 -6.07 19.74
C THR D 128 -22.69 -7.55 19.50
N THR D 129 -22.34 -7.90 18.27
CA THR D 129 -22.28 -9.30 17.90
C THR D 129 -20.95 -9.89 18.32
N VAL D 130 -21.01 -11.09 18.89
CA VAL D 130 -19.83 -11.88 19.23
C VAL D 130 -19.84 -13.09 18.33
N THR D 131 -18.82 -13.22 17.49
CA THR D 131 -18.68 -14.34 16.57
C THR D 131 -17.51 -15.20 17.01
N VAL D 132 -17.74 -16.51 17.12
CA VAL D 132 -16.71 -17.45 17.53
C VAL D 132 -16.55 -18.47 16.39
N SER D 133 -15.40 -18.45 15.73
CA SER D 133 -15.18 -19.35 14.60
C SER D 133 -13.70 -19.51 14.34
N SER D 134 -13.35 -20.67 13.79
CA SER D 134 -12.00 -20.96 13.34
C SER D 134 -11.82 -20.79 11.84
N ALA D 135 -12.89 -20.53 11.09
CA ALA D 135 -12.76 -20.29 9.67
C ALA D 135 -12.09 -18.95 9.40
N SER D 136 -11.37 -18.87 8.29
CA SER D 136 -10.69 -17.65 7.92
C SER D 136 -11.51 -16.88 6.90
N THR D 137 -11.32 -15.56 6.89
CA THR D 137 -12.11 -14.68 6.04
C THR D 137 -12.01 -15.11 4.58
N LYS D 138 -13.17 -15.16 3.93
CA LYS D 138 -13.28 -15.61 2.56
C LYS D 138 -14.38 -14.82 1.89
N GLY D 139 -14.17 -14.45 0.63
CA GLY D 139 -15.17 -13.76 -0.13
C GLY D 139 -16.14 -14.72 -0.76
N PRO D 140 -17.39 -14.31 -0.92
CA PRO D 140 -18.39 -15.21 -1.47
C PRO D 140 -18.22 -15.40 -2.95
N SER D 141 -18.63 -16.56 -3.44
CA SER D 141 -18.73 -16.84 -4.87
C SER D 141 -20.21 -16.70 -5.26
N VAL D 142 -20.49 -15.80 -6.20
CA VAL D 142 -21.85 -15.48 -6.60
C VAL D 142 -22.20 -16.30 -7.82
N PHE D 143 -23.24 -17.11 -7.73
CA PHE D 143 -23.66 -17.96 -8.83
C PHE D 143 -25.06 -17.58 -9.29
N PRO D 144 -25.35 -17.73 -10.57
CA PRO D 144 -26.68 -17.36 -11.07
C PRO D 144 -27.72 -18.43 -10.77
N LEU D 145 -28.91 -18.00 -10.42
CA LEU D 145 -30.09 -18.88 -10.37
C LEU D 145 -30.92 -18.49 -11.59
N ALA D 146 -30.52 -19.02 -12.74
CA ALA D 146 -31.09 -18.59 -14.00
C ALA D 146 -32.57 -18.97 -14.10
N PRO D 147 -33.40 -18.12 -14.69
CA PRO D 147 -34.80 -18.45 -14.94
C PRO D 147 -34.94 -19.43 -16.10
N SER D 148 -35.94 -20.28 -16.00
CA SER D 148 -36.17 -21.34 -16.98
C SER D 148 -37.66 -21.64 -17.03
N SER D 153 -44.03 -19.84 -15.14
CA SER D 153 -45.45 -19.74 -15.39
C SER D 153 -46.13 -18.67 -14.54
N GLY D 154 -47.25 -18.17 -15.06
CA GLY D 154 -48.09 -17.20 -14.40
C GLY D 154 -47.90 -15.79 -14.90
N GLY D 155 -47.13 -15.60 -15.96
CA GLY D 155 -46.77 -14.28 -16.44
C GLY D 155 -45.60 -13.65 -15.72
N THR D 156 -45.20 -14.23 -14.59
CA THR D 156 -44.13 -13.73 -13.74
C THR D 156 -43.09 -14.84 -13.59
N ALA D 157 -41.82 -14.49 -13.73
CA ALA D 157 -40.73 -15.45 -13.63
C ALA D 157 -39.75 -15.05 -12.54
N ALA D 158 -39.12 -16.07 -11.95
CA ALA D 158 -38.27 -15.91 -10.78
C ALA D 158 -36.83 -16.26 -11.11
N LEU D 159 -35.90 -15.44 -10.63
CA LEU D 159 -34.48 -15.62 -10.82
C LEU D 159 -33.77 -15.13 -9.56
N GLY D 160 -32.47 -15.38 -9.48
CA GLY D 160 -31.74 -14.95 -8.31
C GLY D 160 -30.27 -15.30 -8.37
N CYS D 161 -29.60 -15.03 -7.25
CA CYS D 161 -28.17 -15.29 -7.08
C CYS D 161 -27.93 -16.15 -5.85
N LEU D 162 -26.83 -16.90 -5.89
CA LEU D 162 -26.42 -17.77 -4.78
C LEU D 162 -25.12 -17.19 -4.22
N VAL D 163 -25.23 -16.44 -3.13
CA VAL D 163 -24.06 -15.90 -2.45
C VAL D 163 -23.53 -16.99 -1.53
N LYS D 164 -22.46 -17.68 -1.96
CA LYS D 164 -22.04 -18.92 -1.32
C LYS D 164 -20.63 -18.84 -0.74
N ASP D 165 -20.45 -19.43 0.45
CA ASP D 165 -19.15 -19.68 1.07
C ASP D 165 -18.39 -18.38 1.34
N TYR D 166 -18.87 -17.65 2.33
CA TYR D 166 -18.19 -16.44 2.76
C TYR D 166 -18.09 -16.41 4.28
N PHE D 167 -17.16 -15.60 4.77
CA PHE D 167 -16.96 -15.41 6.20
C PHE D 167 -16.16 -14.13 6.45
N PRO D 168 -16.58 -13.34 7.45
CA PRO D 168 -17.80 -13.56 8.22
C PRO D 168 -18.98 -12.79 7.67
N GLU D 169 -20.03 -12.68 8.46
CA GLU D 169 -21.16 -11.83 8.13
C GLU D 169 -20.75 -10.38 8.32
N PRO D 170 -21.44 -9.44 7.65
CA PRO D 170 -22.54 -9.64 6.74
C PRO D 170 -22.19 -9.46 5.28
N VAL D 171 -23.19 -9.68 4.43
CA VAL D 171 -23.08 -9.46 3.00
C VAL D 171 -24.29 -8.62 2.60
N THR D 172 -24.11 -7.80 1.56
CA THR D 172 -25.16 -6.93 1.05
C THR D 172 -25.49 -7.36 -0.37
N VAL D 173 -26.78 -7.48 -0.67
CA VAL D 173 -27.23 -7.81 -2.03
C VAL D 173 -28.27 -6.80 -2.46
N SER D 174 -28.04 -6.18 -3.62
CA SER D 174 -29.03 -5.34 -4.27
C SER D 174 -29.15 -5.79 -5.71
N TRP D 175 -30.25 -5.40 -6.36
CA TRP D 175 -30.54 -5.81 -7.72
C TRP D 175 -30.61 -4.57 -8.61
N ASN D 176 -29.93 -4.65 -9.77
CA ASN D 176 -29.83 -3.54 -10.70
C ASN D 176 -29.39 -2.26 -9.99
N SER D 177 -28.37 -2.40 -9.14
CA SER D 177 -27.74 -1.28 -8.46
C SER D 177 -28.74 -0.47 -7.64
N GLY D 178 -29.79 -1.12 -7.12
CA GLY D 178 -30.74 -0.50 -6.24
C GLY D 178 -32.03 -0.07 -6.91
N ALA D 179 -32.12 -0.18 -8.22
CA ALA D 179 -33.35 0.20 -8.91
C ALA D 179 -34.44 -0.84 -8.70
N LEU D 180 -34.09 -2.12 -8.73
CA LEU D 180 -35.05 -3.20 -8.61
C LEU D 180 -35.23 -3.55 -7.14
N THR D 181 -36.42 -3.28 -6.61
CA THR D 181 -36.75 -3.58 -5.23
C THR D 181 -38.09 -4.28 -5.06
N SER D 182 -38.94 -4.30 -6.09
CA SER D 182 -40.27 -4.88 -5.97
C SER D 182 -40.20 -6.32 -6.48
N GLY D 183 -40.36 -7.27 -5.56
CA GLY D 183 -40.31 -8.68 -5.86
C GLY D 183 -39.10 -9.38 -5.30
N VAL D 184 -38.09 -8.64 -4.86
CA VAL D 184 -36.84 -9.23 -4.40
C VAL D 184 -37.00 -9.74 -2.98
N HIS D 185 -36.60 -11.00 -2.77
CA HIS D 185 -36.49 -11.61 -1.44
C HIS D 185 -35.05 -12.03 -1.23
N THR D 186 -34.39 -11.42 -0.26
CA THR D 186 -33.04 -11.81 0.13
C THR D 186 -33.13 -12.57 1.45
N PHE D 187 -32.83 -13.85 1.40
CA PHE D 187 -33.02 -14.71 2.53
C PHE D 187 -31.91 -14.53 3.57
N PRO D 188 -32.23 -14.77 4.84
CA PRO D 188 -31.18 -14.75 5.87
C PRO D 188 -30.12 -15.81 5.62
N ALA D 189 -28.88 -15.46 5.97
CA ALA D 189 -27.77 -16.37 5.76
C ALA D 189 -27.89 -17.59 6.66
N VAL D 190 -27.33 -18.70 6.19
CA VAL D 190 -27.24 -19.94 6.97
C VAL D 190 -25.77 -20.26 7.18
N LEU D 191 -25.45 -20.86 8.33
CA LEU D 191 -24.09 -21.25 8.65
C LEU D 191 -23.90 -22.70 8.23
N GLN D 192 -23.10 -22.93 7.19
CA GLN D 192 -22.90 -24.26 6.67
C GLN D 192 -22.02 -25.09 7.61
N SER D 193 -21.92 -26.39 7.31
CA SER D 193 -21.12 -27.30 8.13
C SER D 193 -19.65 -26.94 8.10
N SER D 194 -19.18 -26.33 7.01
CA SER D 194 -17.78 -25.95 6.89
C SER D 194 -17.44 -24.71 7.71
N GLY D 195 -18.43 -24.05 8.30
CA GLY D 195 -18.18 -22.83 9.03
C GLY D 195 -18.32 -21.57 8.20
N LEU D 196 -18.60 -21.71 6.91
CA LEU D 196 -18.81 -20.59 6.00
C LEU D 196 -20.30 -20.35 5.81
N TYR D 197 -20.67 -19.08 5.68
CA TYR D 197 -22.06 -18.72 5.50
C TYR D 197 -22.47 -18.82 4.04
N SER D 198 -23.77 -18.93 3.81
CA SER D 198 -24.34 -18.94 2.47
C SER D 198 -25.68 -18.23 2.49
N LEU D 199 -26.02 -17.61 1.37
CA LEU D 199 -27.20 -16.75 1.28
C LEU D 199 -27.75 -16.82 -0.13
N SER D 200 -29.06 -16.59 -0.27
CA SER D 200 -29.74 -16.56 -1.55
C SER D 200 -30.63 -15.32 -1.65
N SER D 201 -30.62 -14.69 -2.82
CA SER D 201 -31.45 -13.53 -3.10
C SER D 201 -32.20 -13.79 -4.39
N VAL D 202 -33.53 -13.78 -4.33
CA VAL D 202 -34.35 -14.09 -5.50
C VAL D 202 -35.20 -12.88 -5.83
N VAL D 203 -35.72 -12.87 -7.06
CA VAL D 203 -36.59 -11.79 -7.53
C VAL D 203 -37.55 -12.34 -8.57
N THR D 204 -38.80 -11.89 -8.53
CA THR D 204 -39.82 -12.25 -9.50
C THR D 204 -40.08 -11.09 -10.45
N VAL D 205 -40.03 -11.37 -11.75
CA VAL D 205 -40.17 -10.34 -12.77
C VAL D 205 -41.14 -10.84 -13.84
N PRO D 206 -41.75 -9.94 -14.59
CA PRO D 206 -42.58 -10.36 -15.72
C PRO D 206 -41.78 -11.19 -16.71
N SER D 207 -42.31 -12.35 -17.09
CA SER D 207 -41.61 -13.22 -18.02
C SER D 207 -41.45 -12.59 -19.40
N SER D 208 -42.27 -11.58 -19.72
CA SER D 208 -42.10 -10.86 -20.99
C SER D 208 -40.84 -10.00 -20.98
N SER D 209 -40.39 -9.58 -19.80
CA SER D 209 -39.31 -8.59 -19.71
C SER D 209 -37.92 -9.21 -19.75
N LEU D 210 -37.78 -10.52 -19.50
CA LEU D 210 -36.46 -11.10 -19.46
C LEU D 210 -35.79 -11.13 -20.83
N GLY D 211 -36.53 -10.86 -21.90
CA GLY D 211 -35.89 -10.70 -23.19
C GLY D 211 -35.30 -9.31 -23.35
N THR D 212 -36.02 -8.30 -22.86
CA THR D 212 -35.59 -6.91 -22.99
C THR D 212 -34.68 -6.47 -21.85
N GLN D 213 -35.18 -6.53 -20.62
CA GLN D 213 -34.43 -6.04 -19.47
C GLN D 213 -33.42 -7.07 -18.99
N THR D 214 -32.25 -6.58 -18.58
CA THR D 214 -31.20 -7.43 -18.02
C THR D 214 -31.18 -7.26 -16.50
N TYR D 215 -30.88 -8.34 -15.80
CA TYR D 215 -30.93 -8.37 -14.34
C TYR D 215 -29.55 -8.74 -13.80
N ILE D 216 -28.97 -7.86 -13.00
CA ILE D 216 -27.69 -8.08 -12.36
C ILE D 216 -27.86 -7.91 -10.86
N CYS D 217 -27.23 -8.80 -10.09
CA CYS D 217 -27.24 -8.67 -8.63
C CYS D 217 -25.89 -8.15 -8.15
N ASN D 218 -25.94 -7.26 -7.17
CA ASN D 218 -24.76 -6.58 -6.65
C ASN D 218 -24.47 -7.09 -5.24
N VAL D 219 -23.42 -7.90 -5.11
CA VAL D 219 -23.02 -8.49 -3.85
C VAL D 219 -21.81 -7.75 -3.33
N ASN D 220 -21.87 -7.28 -2.09
CA ASN D 220 -20.78 -6.54 -1.47
C ASN D 220 -20.42 -7.20 -0.16
N HIS D 221 -19.21 -7.76 -0.07
CA HIS D 221 -18.68 -8.38 1.14
C HIS D 221 -17.48 -7.55 1.60
N LYS D 222 -17.70 -6.63 2.53
CA LYS D 222 -16.65 -5.71 2.95
C LYS D 222 -15.47 -6.40 3.67
N PRO D 223 -15.70 -7.36 4.57
CA PRO D 223 -14.55 -7.98 5.25
C PRO D 223 -13.52 -8.61 4.32
N SER D 224 -13.91 -9.06 3.14
CA SER D 224 -12.97 -9.64 2.19
C SER D 224 -12.65 -8.72 1.03
N ASN D 225 -13.15 -7.49 1.03
CA ASN D 225 -12.89 -6.52 -0.04
C ASN D 225 -13.31 -7.07 -1.40
N THR D 226 -14.51 -7.64 -1.45
CA THR D 226 -15.02 -8.24 -2.67
C THR D 226 -16.34 -7.57 -3.04
N LYS D 227 -16.44 -7.10 -4.28
CA LYS D 227 -17.68 -6.62 -4.87
C LYS D 227 -17.88 -7.34 -6.19
N VAL D 228 -19.04 -7.95 -6.36
CA VAL D 228 -19.34 -8.75 -7.54
C VAL D 228 -20.63 -8.25 -8.15
N ASP D 229 -20.62 -8.05 -9.46
CA ASP D 229 -21.82 -7.81 -10.24
C ASP D 229 -21.95 -9.00 -11.19
N LYS D 230 -23.05 -9.73 -11.07
CA LYS D 230 -23.24 -10.94 -11.85
C LYS D 230 -24.52 -10.80 -12.66
N ARG D 231 -24.40 -10.88 -13.97
CA ARG D 231 -25.57 -10.85 -14.82
C ARG D 231 -26.29 -12.19 -14.72
N VAL D 232 -27.58 -12.15 -14.45
CA VAL D 232 -28.40 -13.36 -14.37
C VAL D 232 -29.17 -13.44 -15.68
N GLU D 233 -28.80 -14.40 -16.52
CA GLU D 233 -29.36 -14.54 -17.84
C GLU D 233 -30.12 -15.84 -17.97
N PRO D 234 -31.11 -15.90 -18.86
CA PRO D 234 -31.78 -17.18 -19.14
C PRO D 234 -30.78 -18.19 -19.67
N LYS D 235 -31.12 -19.46 -19.51
CA LYS D 235 -30.20 -20.54 -19.85
C LYS D 235 -30.36 -20.92 -21.31
N SER D 236 -29.23 -21.22 -21.95
CA SER D 236 -29.18 -21.42 -23.39
C SER D 236 -29.03 -22.88 -23.77
N CYS D 237 -27.80 -23.39 -23.67
CA CYS D 237 -27.45 -24.73 -24.14
C CYS D 237 -27.74 -24.90 -25.62
N GLU E 1 36.67 8.90 2.60
CA GLU E 1 36.37 8.68 4.00
C GLU E 1 35.00 9.26 4.37
N ILE E 2 34.65 10.40 3.75
CA ILE E 2 33.40 11.09 4.02
C ILE E 2 32.54 11.02 2.76
N GLY E 3 31.28 10.64 2.94
CA GLY E 3 30.37 10.49 1.83
C GLY E 3 29.39 11.65 1.73
N LEU E 4 28.92 11.92 0.51
CA LEU E 4 27.97 12.98 0.27
C LEU E 4 26.73 12.41 -0.38
N THR E 5 25.57 12.94 -0.01
CA THR E 5 24.31 12.57 -0.61
C THR E 5 23.54 13.85 -0.88
N GLN E 6 22.70 13.82 -1.90
CA GLN E 6 21.90 14.96 -2.29
C GLN E 6 20.42 14.61 -2.34
N SER E 7 19.60 15.57 -1.94
CA SER E 7 18.16 15.44 -1.95
C SER E 7 17.53 16.72 -2.49
N PRO E 8 16.54 16.59 -3.38
CA PRO E 8 16.06 15.31 -3.90
C PRO E 8 16.83 14.85 -5.13
N GLY E 9 16.42 13.72 -5.70
CA GLY E 9 17.08 13.27 -6.92
C GLY E 9 16.72 14.12 -8.12
N THR E 10 15.44 14.44 -8.26
CA THR E 10 14.96 15.36 -9.28
C THR E 10 14.07 16.40 -8.64
N LEU E 11 14.18 17.64 -9.10
CA LEU E 11 13.42 18.77 -8.61
C LEU E 11 12.66 19.37 -9.77
N SER E 12 11.34 19.36 -9.71
CA SER E 12 10.51 19.89 -10.78
C SER E 12 9.93 21.23 -10.37
N LEU E 13 10.42 22.30 -10.99
CA LEU E 13 10.01 23.66 -10.68
C LEU E 13 9.86 24.43 -11.97
N SER E 14 9.19 25.58 -11.88
CA SER E 14 9.01 26.45 -13.03
C SER E 14 9.88 27.69 -12.90
N PRO E 15 10.24 28.33 -14.03
CA PRO E 15 11.02 29.57 -13.95
C PRO E 15 10.30 30.63 -13.12
N GLY E 16 11.06 31.26 -12.24
CA GLY E 16 10.53 32.23 -11.30
C GLY E 16 10.24 31.66 -9.94
N ASP E 17 10.46 30.37 -9.75
CA ASP E 17 10.33 29.70 -8.46
C ASP E 17 11.64 29.74 -7.70
N ARG E 18 11.56 29.52 -6.40
CA ARG E 18 12.74 29.41 -5.56
C ARG E 18 13.11 27.94 -5.41
N ALA E 19 14.35 27.62 -5.74
CA ALA E 19 14.84 26.27 -5.66
C ALA E 19 15.74 26.16 -4.46
N THR E 20 15.64 25.04 -3.74
CA THR E 20 16.46 24.75 -2.57
C THR E 20 16.99 23.33 -2.73
N LEU E 21 18.28 23.22 -2.98
CA LEU E 21 18.94 21.93 -3.09
C LEU E 21 19.72 21.64 -1.81
N SER E 22 19.81 20.36 -1.45
CA SER E 22 20.44 19.96 -0.20
C SER E 22 21.59 19.00 -0.45
N CYS E 23 22.66 19.17 0.32
CA CYS E 23 23.80 18.25 0.33
C CYS E 23 24.04 17.81 1.76
N ARG E 24 24.18 16.50 1.96
CA ARG E 24 24.31 15.91 3.29
C ARG E 24 25.60 15.11 3.36
N ALA E 25 26.36 15.30 4.44
CA ALA E 25 27.64 14.64 4.62
C ALA E 25 27.59 13.63 5.76
N THR E 26 28.41 12.59 5.68
CA THR E 26 28.46 11.59 6.73
C THR E 26 29.08 12.16 8.00
N GLN E 27 30.11 12.99 7.85
CA GLN E 27 30.74 13.68 8.96
C GLN E 27 30.90 15.15 8.59
N ARG E 28 31.24 15.96 9.58
CA ARG E 28 31.27 17.41 9.42
C ARG E 28 32.26 17.84 8.34
N VAL E 29 31.88 18.85 7.58
CA VAL E 29 32.73 19.48 6.59
C VAL E 29 32.84 20.97 6.95
N GLY E 30 34.07 21.47 7.02
CA GLY E 30 34.28 22.85 7.37
C GLY E 30 33.68 23.80 6.36
N SER E 31 33.40 25.01 6.81
CA SER E 31 32.66 25.94 5.97
C SER E 31 33.51 26.58 4.87
N ASP E 32 34.79 26.24 4.75
CA ASP E 32 35.61 26.72 3.64
C ASP E 32 35.86 25.63 2.63
N TYR E 33 35.24 24.46 2.80
CA TYR E 33 35.59 23.26 2.05
C TYR E 33 34.37 22.59 1.43
N LEU E 34 33.33 23.36 1.11
CA LEU E 34 32.12 22.82 0.48
C LEU E 34 31.74 23.72 -0.69
N ALA E 35 31.59 23.13 -1.88
CA ALA E 35 31.31 23.85 -3.10
C ALA E 35 30.12 23.25 -3.83
N TRP E 36 29.58 24.01 -4.79
CA TRP E 36 28.44 23.60 -5.60
C TRP E 36 28.76 23.79 -7.08
N TYR E 37 28.44 22.79 -7.90
CA TYR E 37 28.71 22.80 -9.33
C TYR E 37 27.41 22.64 -10.11
N GLN E 38 27.42 23.14 -11.35
CA GLN E 38 26.32 23.04 -12.28
C GLN E 38 26.80 22.38 -13.55
N GLN E 39 25.99 21.49 -14.14
CA GLN E 39 26.35 20.88 -15.41
C GLN E 39 25.11 20.74 -16.29
N ARG E 40 25.13 21.41 -17.45
CA ARG E 40 24.10 21.24 -18.46
C ARG E 40 24.45 20.07 -19.38
N PRO E 41 23.46 19.47 -20.05
CA PRO E 41 23.74 18.33 -20.92
C PRO E 41 24.73 18.69 -22.02
N GLY E 42 25.80 17.90 -22.12
CA GLY E 42 26.75 18.08 -23.19
C GLY E 42 27.75 19.20 -23.00
N GLN E 43 27.82 19.78 -21.80
CA GLN E 43 28.70 20.88 -21.50
C GLN E 43 29.62 20.49 -20.36
N SER E 44 30.73 21.22 -20.23
CA SER E 44 31.63 20.99 -19.12
C SER E 44 31.03 21.55 -17.83
N PRO E 45 31.40 21.00 -16.67
CA PRO E 45 30.87 21.52 -15.40
C PRO E 45 31.32 22.94 -15.16
N ARG E 46 30.57 23.63 -14.31
CA ARG E 46 30.91 25.00 -13.95
C ARG E 46 30.78 25.17 -12.44
N LEU E 47 31.76 25.84 -11.84
CA LEU E 47 31.74 26.11 -10.41
C LEU E 47 30.77 27.25 -10.12
N LEU E 48 29.81 27.00 -9.23
CA LEU E 48 28.87 28.04 -8.83
C LEU E 48 29.34 28.76 -7.57
N VAL E 49 29.44 28.03 -6.46
CA VAL E 49 29.91 28.61 -5.20
C VAL E 49 30.98 27.71 -4.61
N TYR E 50 31.79 28.31 -3.75
CA TYR E 50 32.86 27.60 -3.04
C TYR E 50 32.94 28.18 -1.65
N GLY E 51 33.50 27.41 -0.72
CA GLY E 51 33.56 27.89 0.64
C GLY E 51 32.19 28.16 1.23
N THR E 52 31.21 27.30 0.92
CA THR E 52 29.84 27.42 1.37
C THR E 52 29.10 28.58 0.69
N SER E 53 29.57 29.82 0.86
CA SER E 53 28.78 30.98 0.49
C SER E 53 29.37 31.82 -0.63
N ARG E 54 30.66 31.70 -0.93
CA ARG E 54 31.31 32.57 -1.91
C ARG E 54 31.09 32.08 -3.33
N ARG E 55 30.84 33.00 -4.24
CA ARG E 55 30.53 32.68 -5.62
C ARG E 55 31.75 32.84 -6.51
N ALA E 56 31.81 32.03 -7.56
CA ALA E 56 32.88 32.21 -8.53
C ALA E 56 32.61 33.47 -9.36
N ALA E 57 33.63 33.92 -10.08
CA ALA E 57 33.48 35.13 -10.87
C ALA E 57 32.48 34.89 -11.98
N GLY E 58 31.68 35.91 -12.27
CA GLY E 58 30.71 35.80 -13.35
C GLY E 58 29.54 34.89 -13.06
N ILE E 59 29.27 34.59 -11.80
CA ILE E 59 28.15 33.76 -11.41
C ILE E 59 27.04 34.68 -10.89
N PRO E 60 25.80 34.52 -11.36
CA PRO E 60 24.73 35.42 -10.92
C PRO E 60 24.52 35.38 -9.42
N ASP E 61 23.79 36.37 -8.93
CA ASP E 61 23.53 36.51 -7.50
C ASP E 61 22.36 35.64 -7.05
N ARG E 62 21.61 35.06 -7.99
CA ARG E 62 20.51 34.18 -7.60
C ARG E 62 21.01 32.98 -6.83
N PHE E 63 22.22 32.52 -7.13
CA PHE E 63 22.77 31.35 -6.48
C PHE E 63 23.35 31.73 -5.12
N SER E 64 22.80 31.15 -4.06
CA SER E 64 23.20 31.47 -2.71
C SER E 64 23.54 30.18 -2.00
N GLY E 65 24.70 30.14 -1.38
CA GLY E 65 25.15 29.00 -0.62
C GLY E 65 24.85 29.19 0.86
N SER E 66 24.54 28.09 1.53
CA SER E 66 24.16 28.14 2.92
C SER E 66 24.51 26.80 3.55
N GLY E 67 24.40 26.73 4.86
CA GLY E 67 24.62 25.49 5.58
C GLY E 67 25.94 25.48 6.33
N SER E 68 26.09 24.45 7.14
CA SER E 68 27.30 24.25 7.92
C SER E 68 27.29 22.85 8.48
N GLY E 69 28.46 22.38 8.88
CA GLY E 69 28.59 21.08 9.51
C GLY E 69 28.36 19.90 8.60
N THR E 70 27.17 19.32 8.68
CA THR E 70 26.84 18.14 7.88
C THR E 70 25.72 18.38 6.88
N ASP E 71 25.07 19.53 6.89
CA ASP E 71 23.96 19.82 5.98
C ASP E 71 24.22 21.16 5.31
N PHE E 72 24.23 21.16 3.98
CA PHE E 72 24.44 22.35 3.18
C PHE E 72 23.33 22.49 2.17
N THR E 73 22.98 23.73 1.86
CA THR E 73 21.92 24.01 0.89
C THR E 73 22.41 24.99 -0.15
N LEU E 74 21.99 24.77 -1.39
CA LEU E 74 22.15 25.73 -2.48
C LEU E 74 20.79 26.29 -2.80
N THR E 75 20.68 27.61 -2.84
CA THR E 75 19.43 28.28 -3.13
C THR E 75 19.55 29.01 -4.46
N ILE E 76 18.55 28.85 -5.31
CA ILE E 76 18.42 29.65 -6.51
C ILE E 76 17.21 30.52 -6.30
N ASP E 77 17.43 31.82 -6.07
CA ASP E 77 16.37 32.69 -5.57
C ASP E 77 15.18 32.69 -6.52
N ARG E 78 15.42 32.97 -7.79
CA ARG E 78 14.40 32.86 -8.81
C ARG E 78 15.01 32.15 -10.01
N LEU E 79 14.44 31.01 -10.37
CA LEU E 79 15.01 30.19 -11.43
C LEU E 79 14.85 30.88 -12.77
N GLU E 80 15.89 30.83 -13.59
CA GLU E 80 15.88 31.32 -14.96
C GLU E 80 15.97 30.16 -15.93
N PRO E 81 15.50 30.33 -17.16
CA PRO E 81 15.52 29.22 -18.13
C PRO E 81 16.88 28.55 -18.30
N GLU E 82 17.99 29.26 -18.15
CA GLU E 82 19.28 28.61 -18.29
C GLU E 82 19.68 27.79 -17.07
N ASP E 83 19.00 27.97 -15.93
CA ASP E 83 19.35 27.33 -14.68
C ASP E 83 18.78 25.91 -14.53
N PHE E 84 18.18 25.34 -15.56
CA PHE E 84 17.65 23.98 -15.47
C PHE E 84 18.70 22.99 -15.94
N ALA E 85 19.38 22.36 -14.98
CA ALA E 85 20.48 21.45 -15.25
C ALA E 85 20.66 20.54 -14.03
N VAL E 86 21.81 19.88 -13.93
CA VAL E 86 22.14 19.01 -12.81
C VAL E 86 23.15 19.73 -11.92
N TYR E 87 22.93 19.68 -10.61
CA TYR E 87 23.77 20.38 -9.65
C TYR E 87 24.43 19.38 -8.72
N TYR E 88 25.76 19.45 -8.63
CA TYR E 88 26.54 18.59 -7.77
C TYR E 88 27.18 19.40 -6.65
N CYS E 89 27.25 18.83 -5.46
CA CYS E 89 28.02 19.38 -4.37
C CYS E 89 29.35 18.65 -4.25
N ARG E 90 30.38 19.39 -3.80
CA ARG E 90 31.73 18.86 -3.68
C ARG E 90 32.36 19.31 -2.37
N GLN E 91 32.95 18.37 -1.65
CA GLN E 91 33.74 18.68 -0.45
C GLN E 91 35.21 18.65 -0.83
N TYR E 92 36.02 19.45 -0.14
CA TYR E 92 37.45 19.44 -0.39
C TYR E 92 38.22 19.80 0.89
N GLU E 93 38.05 19.01 1.93
CA GLU E 93 38.83 19.19 3.14
C GLU E 93 39.65 17.93 3.39
N THR E 94 39.03 16.93 4.03
CA THR E 94 39.64 15.62 4.22
C THR E 94 39.38 14.72 3.02
N SER E 95 38.14 14.69 2.54
CA SER E 95 37.73 13.95 1.36
C SER E 95 37.37 14.93 0.24
N PHE E 96 37.50 14.47 -1.01
CA PHE E 96 37.39 15.36 -2.15
C PHE E 96 36.37 14.86 -3.18
N SER E 97 35.33 14.19 -2.72
CA SER E 97 34.36 13.57 -3.62
C SER E 97 33.24 14.53 -3.99
N PHE E 98 32.60 14.23 -5.12
CA PHE E 98 31.40 14.91 -5.59
C PHE E 98 30.16 14.20 -5.05
N GLY E 99 29.03 14.91 -5.09
CA GLY E 99 27.75 14.34 -4.72
C GLY E 99 27.08 13.64 -5.88
N PRO E 100 25.99 12.92 -5.59
CA PRO E 100 25.32 12.16 -6.66
C PRO E 100 24.73 13.03 -7.74
N GLY E 101 24.30 14.23 -7.40
CA GLY E 101 23.65 15.15 -8.30
C GLY E 101 22.20 15.35 -7.91
N THR E 102 21.67 16.51 -8.26
CA THR E 102 20.25 16.81 -8.15
C THR E 102 19.80 17.40 -9.48
N ARG E 103 18.87 16.73 -10.14
CA ARG E 103 18.37 17.16 -11.43
C ARG E 103 17.24 18.17 -11.21
N VAL E 104 17.38 19.34 -11.81
CA VAL E 104 16.33 20.35 -11.80
C VAL E 104 15.75 20.41 -13.21
N ASP E 105 14.50 20.00 -13.36
CA ASP E 105 13.86 19.95 -14.66
C ASP E 105 12.60 20.82 -14.67
N LEU E 106 12.11 21.06 -15.88
CA LEU E 106 10.96 21.95 -16.07
C LEU E 106 9.68 21.26 -15.64
N LYS E 107 8.93 21.92 -14.76
CA LYS E 107 7.66 21.40 -14.28
C LYS E 107 6.60 21.44 -15.38
N ARG E 108 5.89 20.33 -15.53
CA ARG E 108 4.88 20.16 -16.56
C ARG E 108 3.68 19.44 -15.95
N THR E 109 2.53 19.55 -16.60
CA THR E 109 1.39 18.73 -16.22
C THR E 109 1.75 17.26 -16.39
N VAL E 110 1.18 16.42 -15.52
CA VAL E 110 1.47 15.00 -15.58
C VAL E 110 1.04 14.45 -16.94
N ALA E 111 1.89 13.63 -17.54
CA ALA E 111 1.60 13.02 -18.83
C ALA E 111 1.91 11.53 -18.74
N ALA E 112 0.91 10.70 -18.99
CA ALA E 112 1.09 9.26 -18.95
C ALA E 112 1.83 8.78 -20.20
N PRO E 113 2.65 7.75 -20.08
CA PRO E 113 3.37 7.24 -21.24
C PRO E 113 2.43 6.58 -22.24
N SER E 114 2.80 6.65 -23.51
CA SER E 114 2.20 5.82 -24.54
C SER E 114 3.10 4.61 -24.73
N VAL E 115 2.64 3.45 -24.28
CA VAL E 115 3.47 2.25 -24.25
C VAL E 115 3.33 1.49 -25.55
N PHE E 116 4.46 1.10 -26.14
CA PHE E 116 4.50 0.29 -27.35
C PHE E 116 5.49 -0.85 -27.14
N ILE E 117 5.18 -2.00 -27.70
CA ILE E 117 6.05 -3.17 -27.61
C ILE E 117 6.32 -3.68 -29.02
N PHE E 118 7.58 -4.01 -29.30
CA PHE E 118 8.01 -4.40 -30.64
C PHE E 118 8.62 -5.79 -30.62
N PRO E 119 8.02 -6.77 -31.29
CA PRO E 119 8.60 -8.11 -31.34
C PRO E 119 9.88 -8.12 -32.16
N PRO E 120 10.72 -9.13 -31.99
CA PRO E 120 11.92 -9.24 -32.82
C PRO E 120 11.56 -9.45 -34.28
N SER E 121 12.37 -8.89 -35.16
CA SER E 121 12.13 -9.08 -36.58
C SER E 121 12.50 -10.51 -36.98
N ASP E 122 11.80 -11.02 -38.00
CA ASP E 122 12.10 -12.36 -38.49
C ASP E 122 13.53 -12.44 -39.02
N GLU E 123 14.06 -11.32 -39.53
CA GLU E 123 15.44 -11.29 -39.98
C GLU E 123 16.41 -11.39 -38.81
N GLN E 124 16.05 -10.79 -37.67
CA GLN E 124 16.95 -10.79 -36.52
C GLN E 124 17.20 -12.20 -36.00
N LEU E 125 16.17 -13.04 -36.00
CA LEU E 125 16.30 -14.40 -35.50
C LEU E 125 17.26 -15.24 -36.34
N LYS E 126 17.56 -14.81 -37.56
CA LYS E 126 18.57 -15.47 -38.36
C LYS E 126 19.99 -15.18 -37.87
N SER E 127 20.14 -14.24 -36.94
CA SER E 127 21.44 -13.93 -36.36
C SER E 127 21.72 -14.71 -35.09
N GLY E 128 20.70 -15.32 -34.49
CA GLY E 128 20.85 -16.09 -33.27
C GLY E 128 20.53 -15.35 -32.00
N THR E 129 20.00 -14.13 -32.08
CA THR E 129 19.62 -13.35 -30.92
C THR E 129 18.25 -12.75 -31.16
N ALA E 130 17.44 -12.68 -30.10
CA ALA E 130 16.11 -12.07 -30.16
C ALA E 130 16.08 -10.90 -29.18
N SER E 131 15.65 -9.74 -29.68
CA SER E 131 15.57 -8.52 -28.87
C SER E 131 14.15 -7.98 -28.89
N VAL E 132 13.49 -8.01 -27.73
CA VAL E 132 12.18 -7.40 -27.57
C VAL E 132 12.36 -6.00 -27.00
N VAL E 133 11.63 -5.03 -27.53
CA VAL E 133 11.79 -3.62 -27.20
C VAL E 133 10.47 -3.06 -26.70
N CYS E 134 10.48 -2.44 -25.52
CA CYS E 134 9.36 -1.69 -25.00
C CYS E 134 9.66 -0.20 -25.06
N LEU E 135 8.70 0.59 -25.51
CA LEU E 135 8.85 2.02 -25.67
C LEU E 135 7.84 2.76 -24.82
N LEU E 136 8.32 3.67 -23.99
CA LEU E 136 7.48 4.60 -23.25
C LEU E 136 7.71 5.97 -23.84
N ASN E 137 6.66 6.56 -24.42
CA ASN E 137 6.79 7.75 -25.24
C ASN E 137 6.13 8.93 -24.55
N ASN E 138 6.86 10.04 -24.46
CA ASN E 138 6.35 11.35 -24.07
C ASN E 138 5.60 11.29 -22.74
N PHE E 139 6.34 10.98 -21.68
CA PHE E 139 5.76 10.95 -20.35
C PHE E 139 6.40 12.00 -19.46
N TYR E 140 5.70 12.33 -18.38
CA TYR E 140 6.21 13.20 -17.33
C TYR E 140 5.42 12.93 -16.05
N PRO E 141 6.10 12.87 -14.89
CA PRO E 141 7.53 13.10 -14.61
C PRO E 141 8.50 12.05 -15.13
N ARG E 142 9.79 12.30 -14.89
CA ARG E 142 10.84 11.41 -15.37
C ARG E 142 10.82 10.07 -14.64
N GLU E 143 10.28 10.03 -13.42
CA GLU E 143 10.19 8.79 -12.66
C GLU E 143 9.19 7.85 -13.31
N ALA E 144 9.68 6.72 -13.82
CA ALA E 144 8.83 5.70 -14.40
C ALA E 144 9.48 4.34 -14.12
N LYS E 145 8.68 3.29 -14.26
CA LYS E 145 9.13 1.93 -13.97
C LYS E 145 8.68 1.02 -15.10
N VAL E 146 9.59 0.17 -15.56
CA VAL E 146 9.35 -0.73 -16.68
C VAL E 146 9.60 -2.15 -16.23
N GLN E 147 8.62 -3.02 -16.43
CA GLN E 147 8.68 -4.40 -15.96
C GLN E 147 8.39 -5.35 -17.11
N TRP E 148 9.20 -6.40 -17.22
CA TRP E 148 9.06 -7.39 -18.27
C TRP E 148 8.54 -8.70 -17.69
N LYS E 149 7.54 -9.28 -18.34
CA LYS E 149 7.01 -10.60 -17.98
C LYS E 149 6.99 -11.47 -19.22
N VAL E 150 7.84 -12.50 -19.24
CA VAL E 150 7.90 -13.41 -20.38
C VAL E 150 6.72 -14.38 -20.36
N ASP E 151 6.09 -14.54 -19.19
CA ASP E 151 4.78 -15.17 -19.09
C ASP E 151 4.06 -14.51 -17.92
N ASN E 152 2.72 -14.49 -18.01
CA ASN E 152 1.93 -13.60 -17.15
C ASN E 152 2.32 -13.70 -15.69
N LEU E 154 5.55 -15.20 -15.12
CA LEU E 154 7.00 -15.24 -15.24
C LEU E 154 7.53 -13.82 -15.38
N GLN E 155 8.44 -13.42 -14.51
CA GLN E 155 9.00 -12.07 -14.55
C GLN E 155 10.51 -12.15 -14.64
N SER E 156 11.11 -11.26 -15.42
CA SER E 156 12.49 -11.39 -15.86
C SER E 156 13.45 -10.57 -15.00
N GLY E 157 14.74 -10.83 -15.20
CA GLY E 157 15.81 -10.16 -14.48
C GLY E 157 16.94 -9.66 -15.35
N ASN E 158 16.73 -9.51 -16.65
CA ASN E 158 17.80 -9.10 -17.57
C ASN E 158 17.25 -8.21 -18.68
N SER E 159 17.57 -6.92 -18.61
CA SER E 159 17.26 -5.95 -19.63
C SER E 159 18.10 -4.71 -19.42
N GLN E 160 18.07 -3.80 -20.38
CA GLN E 160 18.80 -2.54 -20.30
C GLN E 160 17.89 -1.40 -20.73
N GLU E 161 18.19 -0.20 -20.22
CA GLU E 161 17.34 0.95 -20.46
C GLU E 161 18.20 2.14 -20.88
N SER E 162 17.55 3.06 -21.59
CA SER E 162 18.13 4.37 -21.86
C SER E 162 16.97 5.36 -21.92
N VAL E 163 17.27 6.61 -21.57
CA VAL E 163 16.26 7.65 -21.44
C VAL E 163 16.74 8.91 -22.13
N THR E 164 15.83 9.61 -22.80
CA THR E 164 16.15 10.86 -23.47
C THR E 164 16.27 12.01 -22.46
N GLU E 165 16.88 13.10 -22.92
CA GLU E 165 16.85 14.33 -22.14
C GLU E 165 15.49 14.98 -22.27
N GLN E 166 15.18 15.89 -21.35
CA GLN E 166 13.88 16.54 -21.36
C GLN E 166 13.71 17.34 -22.65
N ASP E 167 12.61 17.10 -23.34
CA ASP E 167 12.40 17.67 -24.67
C ASP E 167 12.35 19.19 -24.60
N SER E 168 12.90 19.83 -25.63
CA SER E 168 12.87 21.29 -25.70
C SER E 168 11.43 21.78 -25.85
N LYS E 169 10.64 21.07 -26.65
CA LYS E 169 9.26 21.43 -26.96
C LYS E 169 8.28 20.79 -25.97
N ASP E 170 8.29 19.46 -25.88
CA ASP E 170 7.31 18.75 -25.06
C ASP E 170 7.61 18.87 -23.57
N SER E 171 8.88 19.03 -23.20
CA SER E 171 9.30 18.94 -21.80
C SER E 171 8.95 17.58 -21.22
N THR E 172 8.96 16.55 -22.06
CA THR E 172 8.65 15.19 -21.68
C THR E 172 9.90 14.32 -21.82
N TYR E 173 9.78 13.09 -21.36
CA TYR E 173 10.85 12.10 -21.46
C TYR E 173 10.36 10.88 -22.25
N SER E 174 11.32 10.10 -22.76
CA SER E 174 11.03 8.85 -23.44
C SER E 174 12.06 7.81 -23.01
N LEU E 175 11.62 6.56 -22.87
CA LEU E 175 12.46 5.49 -22.36
C LEU E 175 12.30 4.24 -23.22
N SER E 176 13.39 3.49 -23.37
CA SER E 176 13.40 2.24 -24.13
C SER E 176 14.04 1.13 -23.32
N SER E 177 13.34 0.00 -23.20
CA SER E 177 13.85 -1.19 -22.54
C SER E 177 14.04 -2.32 -23.55
N THR E 178 15.23 -2.91 -23.58
CA THR E 178 15.58 -3.95 -24.53
C THR E 178 15.86 -5.27 -23.82
N LEU E 179 15.17 -6.33 -24.22
CA LEU E 179 15.38 -7.68 -23.71
C LEU E 179 16.27 -8.45 -24.69
N THR E 180 17.39 -8.96 -24.20
CA THR E 180 18.29 -9.76 -25.03
C THR E 180 18.14 -11.21 -24.58
N LEU E 181 17.60 -12.05 -25.46
CA LEU E 181 17.45 -13.47 -25.19
C LEU E 181 18.04 -14.28 -26.33
N SER E 182 18.34 -15.54 -26.04
CA SER E 182 18.76 -16.47 -27.08
C SER E 182 17.55 -16.93 -27.88
N LYS E 183 17.82 -17.45 -29.08
CA LYS E 183 16.74 -17.96 -29.92
C LYS E 183 16.06 -19.15 -29.27
N ALA E 184 16.83 -19.97 -28.53
CA ALA E 184 16.24 -21.12 -27.84
C ALA E 184 15.25 -20.66 -26.77
N ASP E 185 15.65 -19.73 -25.91
CA ASP E 185 14.77 -19.24 -24.86
C ASP E 185 13.52 -18.58 -25.45
N TYR E 186 13.71 -17.78 -26.51
CA TYR E 186 12.61 -16.99 -27.05
C TYR E 186 11.50 -17.87 -27.63
N GLU E 187 11.87 -18.89 -28.39
CA GLU E 187 10.87 -19.70 -29.07
C GLU E 187 9.98 -20.49 -28.12
N LYS E 188 10.41 -20.70 -26.88
CA LYS E 188 9.64 -21.57 -25.98
C LYS E 188 8.36 -20.90 -25.49
N HIS E 189 8.39 -19.60 -25.22
CA HIS E 189 7.28 -18.93 -24.57
C HIS E 189 6.44 -18.13 -25.56
N LYS E 190 5.15 -17.99 -25.24
CA LYS E 190 4.18 -17.42 -26.18
C LYS E 190 3.99 -15.92 -25.96
N VAL E 191 3.59 -15.53 -24.77
CA VAL E 191 3.07 -14.19 -24.50
C VAL E 191 4.15 -13.33 -23.85
N TYR E 192 4.53 -12.24 -24.50
CA TYR E 192 5.57 -11.34 -24.03
C TYR E 192 4.92 -10.01 -23.66
N ALA E 193 5.04 -9.61 -22.40
CA ALA E 193 4.34 -8.47 -21.86
C ALA E 193 5.31 -7.45 -21.27
N CYS E 194 4.91 -6.18 -21.31
CA CYS E 194 5.68 -5.07 -20.77
C CYS E 194 4.79 -4.32 -19.80
N GLU E 195 5.17 -4.32 -18.51
CA GLU E 195 4.39 -3.69 -17.47
C GLU E 195 5.01 -2.36 -17.09
N VAL E 196 4.22 -1.29 -17.13
CA VAL E 196 4.69 0.07 -16.94
C VAL E 196 3.95 0.72 -15.78
N THR E 197 4.70 1.30 -14.85
CA THR E 197 4.15 2.05 -13.73
C THR E 197 4.56 3.51 -13.87
N HIS E 198 3.60 4.42 -13.72
CA HIS E 198 3.89 5.84 -13.84
C HIS E 198 2.82 6.63 -13.10
N GLN E 199 3.20 7.84 -12.69
CA GLN E 199 2.27 8.69 -11.93
C GLN E 199 1.04 9.04 -12.75
N GLY E 200 1.16 9.11 -14.07
CA GLY E 200 0.02 9.42 -14.91
C GLY E 200 -0.94 8.28 -15.12
N LEU E 201 -0.60 7.08 -14.66
CA LEU E 201 -1.47 5.91 -14.77
C LEU E 201 -2.05 5.58 -13.40
N SER E 202 -3.38 5.49 -13.34
CA SER E 202 -4.02 5.13 -12.08
C SER E 202 -3.66 3.72 -11.67
N SER E 203 -3.52 2.82 -12.65
CA SER E 203 -3.09 1.45 -12.44
C SER E 203 -2.07 1.10 -13.51
N PRO E 204 -1.14 0.20 -13.22
CA PRO E 204 -0.11 -0.14 -14.20
C PRO E 204 -0.72 -0.62 -15.50
N VAL E 205 -0.18 -0.13 -16.61
CA VAL E 205 -0.63 -0.51 -17.94
C VAL E 205 0.31 -1.57 -18.49
N THR E 206 -0.26 -2.63 -19.04
CA THR E 206 0.50 -3.72 -19.63
C THR E 206 0.20 -3.77 -21.12
N LYS E 207 1.25 -3.84 -21.93
CA LYS E 207 1.13 -4.03 -23.37
C LYS E 207 1.86 -5.31 -23.74
N SER E 208 1.18 -6.19 -24.45
CA SER E 208 1.70 -7.53 -24.71
C SER E 208 1.37 -7.94 -26.13
N PHE E 209 2.08 -8.96 -26.61
CA PHE E 209 1.78 -9.58 -27.89
C PHE E 209 1.98 -11.07 -27.77
N ASN E 210 1.15 -11.83 -28.49
CA ASN E 210 1.35 -13.27 -28.61
C ASN E 210 2.26 -13.55 -29.79
N ARG E 211 3.24 -14.42 -29.57
CA ARG E 211 4.26 -14.66 -30.59
C ARG E 211 3.67 -15.18 -31.90
N GLY E 212 2.55 -15.90 -31.85
CA GLY E 212 2.00 -16.49 -33.06
C GLY E 212 1.45 -15.48 -34.04
N GLU E 213 0.82 -14.42 -33.54
CA GLU E 213 0.29 -13.39 -34.43
C GLU E 213 1.42 -12.60 -35.09
N GLU F 1 43.38 34.23 -23.49
CA GLU F 1 42.34 34.03 -22.50
C GLU F 1 42.73 32.91 -21.55
N VAL F 2 42.33 33.02 -20.28
CA VAL F 2 42.68 32.03 -19.27
C VAL F 2 42.01 30.72 -19.63
N GLN F 3 42.80 29.74 -20.06
CA GLN F 3 42.26 28.50 -20.60
C GLN F 3 43.08 27.31 -20.12
N LEU F 4 42.49 26.13 -20.28
CA LEU F 4 43.16 24.85 -20.10
C LEU F 4 42.77 23.95 -21.27
N VAL F 5 43.75 23.30 -21.88
CA VAL F 5 43.54 22.46 -23.05
C VAL F 5 44.07 21.06 -22.77
N GLU F 6 43.35 20.05 -23.25
CA GLU F 6 43.66 18.67 -22.95
C GLU F 6 44.04 17.90 -24.20
N SER F 7 44.80 16.83 -24.00
CA SER F 7 45.28 16.00 -25.09
C SER F 7 45.56 14.61 -24.55
N GLY F 8 45.07 13.60 -25.25
CA GLY F 8 45.51 12.25 -24.99
C GLY F 8 44.42 11.23 -24.74
N GLY F 9 43.21 11.50 -25.19
CA GLY F 9 42.11 10.57 -24.98
C GLY F 9 41.78 9.73 -26.19
N GLY F 10 41.91 8.41 -26.07
CA GLY F 10 41.61 7.51 -27.18
C GLY F 10 41.24 6.11 -26.76
N LEU F 11 41.35 5.14 -27.67
CA LEU F 11 41.07 3.75 -27.39
C LEU F 11 42.30 3.07 -26.81
N VAL F 12 42.12 2.34 -25.71
CA VAL F 12 43.21 1.59 -25.08
C VAL F 12 42.68 0.24 -24.66
N LYS F 13 43.48 -0.81 -24.86
CA LYS F 13 43.11 -2.13 -24.40
C LYS F 13 43.09 -2.17 -22.86
N PRO F 14 42.33 -3.10 -22.28
CA PRO F 14 42.20 -3.14 -20.82
C PRO F 14 43.53 -3.18 -20.06
N GLY F 15 44.48 -4.01 -20.48
CA GLY F 15 45.73 -4.06 -19.74
C GLY F 15 46.64 -2.87 -19.96
N GLY F 16 46.36 -2.05 -20.97
CA GLY F 16 47.30 -1.02 -21.40
C GLY F 16 47.38 0.15 -20.44
N SER F 17 48.10 1.17 -20.91
CA SER F 17 48.33 2.39 -20.15
C SER F 17 48.24 3.59 -21.09
N LEU F 18 47.97 4.76 -20.52
CA LEU F 18 47.76 5.96 -21.30
C LEU F 18 48.07 7.19 -20.43
N ARG F 19 48.54 8.25 -21.09
CA ARG F 19 48.81 9.52 -20.42
C ARG F 19 48.12 10.64 -21.17
N LEU F 20 47.30 11.42 -20.45
CA LEU F 20 46.69 12.61 -21.02
C LEU F 20 47.18 13.85 -20.28
N SER F 21 47.26 14.96 -21.00
CA SER F 21 47.99 16.13 -20.56
C SER F 21 47.07 17.35 -20.51
N CYS F 22 47.48 18.34 -19.73
CA CYS F 22 46.68 19.55 -19.55
C CYS F 22 47.60 20.76 -19.57
N VAL F 23 47.37 21.68 -20.50
CA VAL F 23 48.19 22.88 -20.65
C VAL F 23 47.35 24.09 -20.32
N GLY F 24 47.94 25.06 -19.60
CA GLY F 24 47.28 26.27 -19.21
C GLY F 24 47.90 27.51 -19.85
N SER F 25 47.19 28.62 -19.71
CA SER F 25 47.64 29.88 -20.29
C SER F 25 47.12 31.04 -19.46
N GLU F 26 47.93 32.10 -19.38
CA GLU F 26 47.52 33.38 -18.81
C GLU F 26 47.14 33.26 -17.33
N PHE F 27 47.90 32.48 -16.58
CA PHE F 27 47.78 32.47 -15.12
C PHE F 27 49.00 31.77 -14.54
N THR F 28 49.43 32.25 -13.38
CA THR F 28 50.53 31.63 -12.67
C THR F 28 50.21 30.17 -12.36
N PHE F 29 50.91 29.26 -13.04
CA PHE F 29 50.64 27.84 -12.89
C PHE F 29 51.32 27.24 -11.68
N SER F 30 52.35 27.89 -11.14
CA SER F 30 53.11 27.33 -10.04
C SER F 30 52.35 27.33 -8.72
N ASP F 31 51.42 28.27 -8.53
CA ASP F 31 50.77 28.44 -7.23
C ASP F 31 49.33 27.94 -7.18
N ALA F 32 48.72 27.64 -8.34
CA ALA F 32 47.35 27.15 -8.39
C ALA F 32 47.36 25.62 -8.47
N TRP F 33 46.44 24.99 -7.73
CA TRP F 33 46.42 23.54 -7.64
C TRP F 33 45.41 22.94 -8.61
N MET F 34 45.76 21.75 -9.10
CA MET F 34 45.11 21.12 -10.25
C MET F 34 44.33 19.88 -9.82
N THR F 35 43.19 19.66 -10.47
CA THR F 35 42.27 18.59 -10.13
C THR F 35 41.85 17.85 -11.39
N TRP F 36 41.76 16.54 -11.31
CA TRP F 36 41.23 15.70 -12.37
C TRP F 36 39.86 15.19 -11.98
N VAL F 37 38.88 15.33 -12.86
CA VAL F 37 37.56 14.76 -12.65
C VAL F 37 37.13 14.09 -13.93
N ARG F 38 36.30 13.07 -13.80
CA ARG F 38 35.81 12.31 -14.93
C ARG F 38 34.31 12.13 -14.80
N GLN F 39 33.70 11.69 -15.90
CA GLN F 39 32.25 11.45 -15.93
C GLN F 39 32.00 10.25 -16.82
N ALA F 40 31.58 9.14 -16.22
CA ALA F 40 31.18 7.98 -16.99
C ALA F 40 29.90 8.27 -17.74
N PRO F 41 29.62 7.53 -18.82
CA PRO F 41 28.42 7.79 -19.62
C PRO F 41 27.15 7.69 -18.80
N GLY F 42 26.40 8.80 -18.77
CA GLY F 42 25.13 8.83 -18.09
C GLY F 42 25.21 8.87 -16.58
N LYS F 43 26.39 8.98 -16.00
CA LYS F 43 26.55 9.03 -14.56
C LYS F 43 26.94 10.44 -14.14
N GLY F 44 27.23 10.60 -12.84
CA GLY F 44 27.59 11.89 -12.30
C GLY F 44 29.08 12.13 -12.29
N LEU F 45 29.46 13.32 -11.84
CA LEU F 45 30.87 13.69 -11.78
C LEU F 45 31.58 12.90 -10.70
N GLU F 46 32.80 12.45 -11.01
CA GLU F 46 33.60 11.66 -10.09
C GLU F 46 35.00 12.24 -10.03
N TRP F 47 35.43 12.57 -8.82
CA TRP F 47 36.77 13.11 -8.61
C TRP F 47 37.81 12.00 -8.74
N VAL F 48 38.83 12.26 -9.56
CA VAL F 48 39.86 11.26 -9.86
C VAL F 48 41.08 11.42 -8.98
N GLY F 49 41.65 12.63 -8.96
CA GLY F 49 42.79 12.93 -8.12
C GLY F 49 43.21 14.36 -8.33
N HIS F 50 44.18 14.79 -7.52
CA HIS F 50 44.69 16.15 -7.61
C HIS F 50 46.13 16.21 -7.10
N MET F 51 46.75 17.38 -7.29
CA MET F 51 48.10 17.63 -6.79
C MET F 51 48.17 19.06 -6.28
N ARG F 52 48.57 19.22 -5.02
CA ARG F 52 48.71 20.55 -4.45
C ARG F 52 49.81 21.33 -5.19
N PRO F 53 49.79 22.66 -5.12
CA PRO F 53 50.81 23.44 -5.81
C PRO F 53 52.16 23.28 -5.11
N THR F 54 53.22 23.30 -5.91
CA THR F 54 54.57 23.01 -5.42
C THR F 54 54.98 23.85 -4.21
N PRO F 55 54.59 25.12 -4.08
CA PRO F 55 54.94 25.86 -2.86
C PRO F 55 54.21 25.39 -1.60
N GLU F 56 53.29 24.47 -1.78
CA GLU F 56 52.40 24.12 -0.73
C GLU F 56 52.79 22.80 -0.19
N GLY F 57 53.31 21.98 -1.08
CA GLY F 57 53.66 20.64 -0.76
C GLY F 57 54.01 19.90 -2.03
N GLY F 58 53.01 19.59 -2.83
CA GLY F 58 53.22 18.72 -3.96
C GLY F 58 52.54 17.46 -3.53
N ALA F 59 51.56 17.65 -2.66
CA ALA F 59 50.71 16.66 -2.02
C ALA F 59 49.72 16.09 -3.03
N LYS F 60 49.77 14.79 -3.24
CA LYS F 60 48.90 14.11 -4.19
C LYS F 60 47.90 13.25 -3.44
N ASP F 61 46.63 13.37 -3.83
CA ASP F 61 45.55 12.57 -3.27
C ASP F 61 44.75 11.97 -4.41
N TYR F 62 44.36 10.70 -4.26
CA TYR F 62 43.70 9.95 -5.32
C TYR F 62 42.38 9.39 -4.82
N ALA F 63 41.51 9.07 -5.77
CA ALA F 63 40.25 8.42 -5.47
C ALA F 63 40.47 6.93 -5.23
N ALA F 64 39.56 6.34 -4.46
CA ALA F 64 39.68 4.92 -4.14
C ALA F 64 39.72 4.01 -5.35
N PRO F 65 38.89 4.18 -6.38
CA PRO F 65 38.97 3.27 -7.53
C PRO F 65 40.26 3.40 -8.33
N VAL F 66 40.91 4.56 -8.31
CA VAL F 66 42.08 4.80 -9.15
C VAL F 66 43.38 4.79 -8.37
N LYS F 67 43.33 4.73 -7.04
CA LYS F 67 44.55 4.70 -6.23
C LYS F 67 45.40 3.51 -6.60
N GLY F 68 46.69 3.74 -6.79
CA GLY F 68 47.62 2.68 -7.13
C GLY F 68 47.86 2.55 -8.62
N ARG F 69 46.81 2.75 -9.41
CA ARG F 69 46.91 2.61 -10.85
C ARG F 69 47.11 3.94 -11.55
N PHE F 70 46.49 5.01 -11.05
CA PHE F 70 46.66 6.34 -11.62
C PHE F 70 47.72 7.11 -10.85
N THR F 71 48.48 7.93 -11.56
CA THR F 71 49.53 8.74 -10.96
C THR F 71 49.52 10.13 -11.58
N VAL F 72 49.37 11.15 -10.74
CA VAL F 72 49.35 12.54 -11.19
C VAL F 72 50.76 13.11 -11.10
N SER F 73 51.27 13.62 -12.22
CA SER F 73 52.55 14.31 -12.23
C SER F 73 52.33 15.74 -12.71
N ARG F 74 53.36 16.58 -12.54
CA ARG F 74 53.21 17.99 -12.82
C ARG F 74 54.57 18.60 -13.09
N ASP F 75 54.67 19.37 -14.17
CA ASP F 75 55.86 20.14 -14.50
C ASP F 75 55.46 21.60 -14.64
N ASP F 76 55.89 22.43 -13.69
CA ASP F 76 55.52 23.84 -13.69
C ASP F 76 56.27 24.65 -14.74
N SER F 77 57.31 24.09 -15.36
CA SER F 77 58.09 24.83 -16.35
C SER F 77 57.37 24.91 -17.69
N LYS F 78 56.74 23.83 -18.12
CA LYS F 78 55.98 23.82 -19.36
C LYS F 78 54.50 24.12 -19.14
N ARG F 79 54.11 24.50 -17.92
CA ARG F 79 52.74 24.91 -17.62
C ARG F 79 51.74 23.79 -17.94
N THR F 80 52.14 22.54 -17.69
CA THR F 80 51.32 21.40 -18.05
C THR F 80 51.02 20.52 -16.85
N LEU F 81 49.88 19.83 -16.92
CA LEU F 81 49.47 18.86 -15.92
C LEU F 81 49.29 17.50 -16.59
N TYR F 82 49.85 16.46 -15.97
CA TYR F 82 49.80 15.12 -16.53
C TYR F 82 48.99 14.22 -15.60
N LEU F 83 48.26 13.28 -16.20
CA LEU F 83 47.61 12.19 -15.48
C LEU F 83 48.06 10.90 -16.14
N GLN F 84 48.85 10.11 -15.42
CA GLN F 84 49.39 8.86 -15.92
C GLN F 84 48.49 7.73 -15.47
N MET F 85 47.74 7.16 -16.42
CA MET F 85 46.80 6.08 -16.16
C MET F 85 47.45 4.77 -16.56
N ASN F 86 47.74 3.91 -15.60
CA ASN F 86 48.33 2.61 -15.85
C ASN F 86 47.35 1.50 -15.49
N SER F 87 47.43 0.40 -16.23
CA SER F 87 46.56 -0.77 -16.04
C SER F 87 45.10 -0.34 -15.90
N LEU F 88 44.56 0.20 -16.99
CA LEU F 88 43.22 0.72 -16.97
C LEU F 88 42.20 -0.42 -16.80
N LYS F 89 40.95 -0.02 -16.60
CA LYS F 89 39.83 -0.95 -16.55
C LYS F 89 38.71 -0.40 -17.42
N ILE F 90 37.70 -1.23 -17.66
CA ILE F 90 36.54 -0.78 -18.43
C ILE F 90 35.83 0.34 -17.69
N GLU F 91 35.76 0.25 -16.37
CA GLU F 91 35.08 1.26 -15.56
C GLU F 91 35.74 2.62 -15.66
N ASP F 92 36.99 2.69 -16.14
CA ASP F 92 37.68 3.96 -16.31
C ASP F 92 37.25 4.70 -17.56
N THR F 93 36.42 4.09 -18.41
CA THR F 93 35.91 4.75 -19.61
C THR F 93 35.02 5.92 -19.21
N ALA F 94 35.47 7.14 -19.49
CA ALA F 94 34.75 8.34 -19.10
C ALA F 94 35.39 9.53 -19.82
N VAL F 95 34.82 10.71 -19.59
CA VAL F 95 35.35 11.96 -20.11
C VAL F 95 36.11 12.64 -18.98
N TYR F 96 37.42 12.79 -19.15
CA TYR F 96 38.26 13.38 -18.11
C TYR F 96 38.41 14.87 -18.35
N TYR F 97 38.33 15.64 -17.27
CA TYR F 97 38.39 17.09 -17.31
C TYR F 97 39.56 17.60 -16.48
N CYS F 98 40.07 18.77 -16.84
CA CYS F 98 40.97 19.52 -15.97
C CYS F 98 40.18 20.59 -15.24
N MET F 99 40.58 20.84 -14.01
CA MET F 99 39.92 21.88 -13.23
C MET F 99 40.91 22.48 -12.26
N THR F 100 40.99 23.81 -12.26
CA THR F 100 41.76 24.53 -11.26
C THR F 100 41.10 25.88 -11.06
N GLY F 101 41.51 26.56 -10.00
CA GLY F 101 40.95 27.86 -9.65
C GLY F 101 42.05 28.90 -9.64
N VAL F 102 41.79 30.03 -10.27
CA VAL F 102 42.74 31.13 -10.38
C VAL F 102 42.24 32.28 -9.50
N GLU F 103 43.02 32.63 -8.50
CA GLU F 103 42.67 33.72 -7.59
C GLU F 103 43.24 35.02 -8.11
N LYS F 104 42.40 36.06 -8.16
CA LYS F 104 42.81 37.39 -8.56
C LYS F 104 42.36 38.37 -7.49
N GLY F 105 43.03 39.53 -7.44
CA GLY F 105 42.77 40.50 -6.41
C GLY F 105 42.61 41.89 -6.98
N ASP F 106 41.91 42.73 -6.21
CA ASP F 106 41.62 44.10 -6.61
C ASP F 106 41.89 45.03 -5.44
N PHE F 107 42.66 46.08 -5.69
CA PHE F 107 43.03 47.04 -4.67
C PHE F 107 42.30 48.36 -4.91
N TRP F 108 41.82 48.98 -3.84
CA TRP F 108 41.18 50.28 -3.94
C TRP F 108 41.33 51.03 -2.62
N SER F 109 41.52 52.34 -2.70
CA SER F 109 41.88 53.18 -1.57
C SER F 109 40.86 54.29 -1.35
N ASP F 110 40.89 54.83 -0.13
CA ASP F 110 40.11 55.98 0.27
C ASP F 110 41.00 56.88 1.11
N ASP F 111 40.55 58.12 1.34
CA ASP F 111 41.29 58.98 2.25
C ASP F 111 41.14 58.54 3.70
N TYR F 112 40.13 57.73 4.01
CA TYR F 112 39.93 57.17 5.34
C TYR F 112 40.06 55.66 5.38
N SER F 113 40.26 55.00 4.24
CA SER F 113 40.19 53.54 4.20
C SER F 113 41.16 53.02 3.14
N GLN F 114 41.42 51.72 3.21
CA GLN F 114 42.26 51.03 2.23
C GLN F 114 41.84 49.57 2.19
N HIS F 115 41.43 49.08 1.01
CA HIS F 115 40.78 47.78 0.91
C HIS F 115 41.47 46.88 -0.10
N TYR F 116 41.25 45.58 0.07
CA TYR F 116 41.71 44.57 -0.88
C TYR F 116 40.70 43.42 -0.90
N ASN F 117 40.35 42.97 -2.09
CA ASN F 117 39.34 41.94 -2.27
C ASN F 117 39.84 40.94 -3.32
N THR F 118 39.47 39.68 -3.13
CA THR F 118 39.87 38.62 -4.04
C THR F 118 38.64 37.96 -4.62
N TYR F 119 38.75 37.51 -5.87
CA TYR F 119 37.68 36.78 -6.52
C TYR F 119 38.27 35.56 -7.23
N LEU F 120 37.46 34.51 -7.35
CA LEU F 120 37.92 33.23 -7.87
C LEU F 120 37.38 33.01 -9.28
N ILE F 121 38.28 32.66 -10.19
CA ILE F 121 37.94 32.34 -11.58
C ILE F 121 38.21 30.85 -11.78
N ASP F 122 37.16 30.07 -11.95
CA ASP F 122 37.35 28.65 -12.25
C ASP F 122 37.59 28.48 -13.75
N VAL F 123 38.46 27.54 -14.10
CA VAL F 123 38.75 27.23 -15.49
C VAL F 123 38.71 25.72 -15.69
N TRP F 124 38.10 25.28 -16.78
CA TRP F 124 37.94 23.87 -17.09
C TRP F 124 38.44 23.61 -18.49
N GLY F 125 39.05 22.44 -18.69
CA GLY F 125 39.38 21.99 -20.02
C GLY F 125 38.12 21.63 -20.79
N LYS F 126 38.31 21.34 -22.08
CA LYS F 126 37.18 20.93 -22.90
C LYS F 126 36.79 19.48 -22.67
N GLY F 127 37.61 18.70 -21.99
CA GLY F 127 37.34 17.29 -21.79
C GLY F 127 37.80 16.42 -22.95
N THR F 128 38.39 15.28 -22.64
CA THR F 128 38.75 14.29 -23.64
C THR F 128 38.24 12.94 -23.18
N THR F 129 37.62 12.20 -24.10
CA THR F 129 37.06 10.90 -23.75
C THR F 129 38.13 9.83 -23.80
N VAL F 130 38.15 8.99 -22.77
CA VAL F 130 39.02 7.82 -22.72
C VAL F 130 38.12 6.59 -22.77
N THR F 131 38.30 5.77 -23.79
CA THR F 131 37.53 4.55 -23.95
C THR F 131 38.45 3.35 -23.73
N VAL F 132 38.04 2.45 -22.85
CA VAL F 132 38.80 1.25 -22.52
C VAL F 132 37.95 0.05 -22.89
N SER F 133 38.40 -0.71 -23.88
CA SER F 133 37.68 -1.87 -24.34
C SER F 133 38.63 -2.75 -25.13
N SER F 134 38.36 -4.06 -25.12
CA SER F 134 39.09 -5.01 -25.92
C SER F 134 38.38 -5.34 -27.22
N ALA F 135 37.19 -4.80 -27.43
CA ALA F 135 36.42 -5.08 -28.63
C ALA F 135 37.05 -4.43 -29.86
N SER F 136 36.89 -5.09 -31.00
CA SER F 136 37.38 -4.59 -32.28
C SER F 136 36.24 -3.90 -33.03
N THR F 137 36.63 -2.99 -33.94
CA THR F 137 35.67 -2.18 -34.66
C THR F 137 34.66 -3.06 -35.39
N LYS F 138 33.39 -2.67 -35.33
CA LYS F 138 32.33 -3.49 -35.89
C LYS F 138 31.21 -2.60 -36.41
N GLY F 139 30.60 -3.01 -37.51
CA GLY F 139 29.48 -2.30 -38.08
C GLY F 139 28.17 -2.76 -37.48
N PRO F 140 27.20 -1.87 -37.41
CA PRO F 140 25.92 -2.20 -36.78
C PRO F 140 25.01 -3.01 -37.68
N SER F 141 24.14 -3.79 -37.04
CA SER F 141 23.07 -4.51 -37.72
C SER F 141 21.76 -3.81 -37.39
N VAL F 142 21.04 -3.37 -38.41
CA VAL F 142 19.83 -2.58 -38.24
C VAL F 142 18.63 -3.51 -38.41
N PHE F 143 17.76 -3.54 -37.41
CA PHE F 143 16.55 -4.35 -37.45
C PHE F 143 15.32 -3.47 -37.28
N PRO F 144 14.21 -3.85 -37.91
CA PRO F 144 13.01 -3.00 -37.84
C PRO F 144 12.24 -3.21 -36.55
N LEU F 145 11.64 -2.13 -36.07
CA LEU F 145 10.65 -2.17 -34.99
C LEU F 145 9.30 -1.91 -35.66
N ALA F 146 8.76 -2.96 -36.27
CA ALA F 146 7.62 -2.80 -37.16
C ALA F 146 6.38 -2.36 -36.38
N PRO F 147 5.57 -1.45 -36.93
CA PRO F 147 4.27 -1.16 -36.33
C PRO F 147 3.27 -2.24 -36.72
N SER F 148 2.48 -2.70 -35.75
CA SER F 148 1.49 -3.73 -36.02
C SER F 148 0.15 -3.37 -35.39
N GLY F 154 -4.73 2.95 -33.37
CA GLY F 154 -5.12 3.79 -32.25
C GLY F 154 -4.89 5.28 -32.47
N GLY F 155 -4.96 5.72 -33.72
CA GLY F 155 -4.85 7.13 -34.05
C GLY F 155 -3.44 7.66 -34.12
N THR F 156 -2.49 7.04 -33.41
CA THR F 156 -1.07 7.37 -33.55
C THR F 156 -0.29 6.07 -33.40
N ALA F 157 0.61 5.79 -34.33
CA ALA F 157 1.39 4.57 -34.30
C ALA F 157 2.89 4.88 -34.22
N ALA F 158 3.64 3.97 -33.62
CA ALA F 158 5.07 4.14 -33.42
C ALA F 158 5.84 3.02 -34.10
N LEU F 159 6.98 3.37 -34.69
CA LEU F 159 7.87 2.42 -35.31
C LEU F 159 9.30 2.89 -35.07
N GLY F 160 10.27 2.07 -35.47
CA GLY F 160 11.64 2.47 -35.28
C GLY F 160 12.61 1.42 -35.78
N CYS F 161 13.88 1.66 -35.47
CA CYS F 161 14.97 0.78 -35.87
C CYS F 161 15.79 0.41 -34.64
N LEU F 162 16.42 -0.76 -34.70
CA LEU F 162 17.26 -1.26 -33.61
C LEU F 162 18.69 -1.36 -34.14
N VAL F 163 19.49 -0.32 -33.86
CA VAL F 163 20.89 -0.31 -34.25
C VAL F 163 21.65 -1.10 -33.19
N LYS F 164 22.03 -2.33 -33.50
CA LYS F 164 22.56 -3.26 -32.51
C LYS F 164 23.97 -3.72 -32.89
N ASP F 165 24.82 -3.85 -31.88
CA ASP F 165 26.13 -4.49 -31.97
C ASP F 165 27.06 -3.73 -32.93
N TYR F 166 27.51 -2.57 -32.45
CA TYR F 166 28.48 -1.77 -33.19
C TYR F 166 29.57 -1.29 -32.24
N PHE F 167 30.71 -0.92 -32.83
CA PHE F 167 31.86 -0.43 -32.08
C PHE F 167 32.82 0.28 -33.03
N PRO F 168 33.34 1.44 -32.60
CA PRO F 168 33.02 2.14 -31.35
C PRO F 168 31.97 3.21 -31.54
N GLU F 169 31.85 4.11 -30.56
CA GLU F 169 30.99 5.27 -30.68
C GLU F 169 31.60 6.28 -31.65
N PRO F 170 30.77 7.13 -32.27
CA PRO F 170 29.31 7.21 -32.19
C PRO F 170 28.61 6.75 -33.46
N VAL F 171 27.28 6.80 -33.47
CA VAL F 171 26.49 6.45 -34.63
C VAL F 171 25.43 7.53 -34.83
N THR F 172 25.07 7.75 -36.09
CA THR F 172 24.10 8.78 -36.46
C THR F 172 22.86 8.12 -37.06
N VAL F 173 21.70 8.58 -36.64
CA VAL F 173 20.42 8.03 -37.11
C VAL F 173 19.52 9.17 -37.55
N SER F 174 19.01 9.07 -38.78
CA SER F 174 18.02 10.01 -39.31
C SER F 174 16.90 9.21 -39.97
N TRP F 175 15.77 9.89 -40.19
CA TRP F 175 14.59 9.27 -40.79
C TRP F 175 14.23 9.97 -42.09
N ASN F 176 13.99 9.18 -43.13
CA ASN F 176 13.67 9.68 -44.47
C ASN F 176 14.72 10.69 -44.93
N SER F 177 15.99 10.31 -44.75
CA SER F 177 17.13 11.11 -45.17
C SER F 177 17.08 12.53 -44.58
N GLY F 178 16.49 12.67 -43.40
CA GLY F 178 16.37 13.96 -42.75
C GLY F 178 15.03 14.62 -42.88
N ALA F 179 14.08 14.02 -43.61
CA ALA F 179 12.78 14.64 -43.78
C ALA F 179 11.94 14.55 -42.52
N LEU F 180 11.97 13.40 -41.85
CA LEU F 180 11.18 13.18 -40.65
C LEU F 180 12.00 13.57 -39.43
N THR F 181 11.56 14.62 -38.74
CA THR F 181 12.23 15.08 -37.52
C THR F 181 11.29 15.34 -36.36
N SER F 182 9.99 15.47 -36.59
CA SER F 182 9.02 15.75 -35.52
C SER F 182 8.49 14.41 -35.00
N GLY F 183 8.93 14.03 -33.82
CA GLY F 183 8.52 12.80 -33.17
C GLY F 183 9.61 11.76 -33.05
N VAL F 184 10.75 11.96 -33.70
CA VAL F 184 11.84 11.00 -33.67
C VAL F 184 12.59 11.15 -32.35
N HIS F 185 12.82 10.02 -31.67
CA HIS F 185 13.60 9.96 -30.44
C HIS F 185 14.73 8.96 -30.64
N THR F 186 15.96 9.45 -30.62
CA THR F 186 17.13 8.59 -30.71
C THR F 186 17.74 8.46 -29.31
N PHE F 187 17.58 7.30 -28.72
CA PHE F 187 17.98 7.08 -27.34
C PHE F 187 19.51 6.97 -27.22
N PRO F 188 20.06 7.34 -26.07
CA PRO F 188 21.49 7.18 -25.87
C PRO F 188 21.89 5.71 -25.91
N ALA F 189 23.03 5.43 -26.54
CA ALA F 189 23.47 4.07 -26.69
C ALA F 189 23.73 3.41 -25.35
N VAL F 190 23.61 2.09 -25.32
CA VAL F 190 23.93 1.29 -24.14
C VAL F 190 25.09 0.37 -24.51
N LEU F 191 25.93 0.08 -23.53
CA LEU F 191 27.06 -0.83 -23.71
C LEU F 191 26.64 -2.21 -23.23
N GLN F 192 26.48 -3.14 -24.16
CA GLN F 192 26.05 -4.48 -23.81
C GLN F 192 27.22 -5.26 -23.20
N SER F 193 26.89 -6.43 -22.64
CA SER F 193 27.88 -7.22 -21.94
C SER F 193 29.00 -7.67 -22.87
N SER F 194 28.72 -7.81 -24.16
CA SER F 194 29.72 -8.26 -25.11
C SER F 194 30.78 -7.21 -25.42
N GLY F 195 30.58 -5.97 -24.98
CA GLY F 195 31.46 -4.87 -25.34
C GLY F 195 31.03 -4.10 -26.56
N LEU F 196 29.92 -4.48 -27.18
CA LEU F 196 29.40 -3.79 -28.36
C LEU F 196 28.20 -2.94 -27.96
N TYR F 197 28.09 -1.76 -28.56
CA TYR F 197 27.03 -0.84 -28.22
C TYR F 197 25.75 -1.19 -28.97
N SER F 198 24.63 -0.74 -28.41
CA SER F 198 23.31 -0.94 -29.02
C SER F 198 22.49 0.33 -28.82
N LEU F 199 21.61 0.61 -29.78
CA LEU F 199 20.86 1.85 -29.77
C LEU F 199 19.53 1.63 -30.44
N SER F 200 18.54 2.41 -30.04
CA SER F 200 17.20 2.35 -30.59
C SER F 200 16.72 3.75 -30.92
N SER F 201 16.07 3.91 -32.07
CA SER F 201 15.53 5.19 -32.52
C SER F 201 14.09 4.95 -32.98
N VAL F 202 13.15 5.66 -32.35
CA VAL F 202 11.73 5.46 -32.61
C VAL F 202 11.13 6.76 -33.13
N VAL F 203 9.94 6.65 -33.72
CA VAL F 203 9.22 7.78 -34.27
C VAL F 203 7.73 7.47 -34.26
N THR F 204 6.91 8.46 -33.94
CA THR F 204 5.47 8.31 -33.89
C THR F 204 4.83 9.00 -35.09
N VAL F 205 3.98 8.29 -35.81
CA VAL F 205 3.37 8.77 -37.04
C VAL F 205 1.88 8.47 -37.01
N PRO F 206 1.09 9.21 -37.79
CA PRO F 206 -0.34 8.86 -37.92
C PRO F 206 -0.52 7.47 -38.52
N SER F 207 -1.49 6.73 -37.97
CA SER F 207 -1.75 5.37 -38.42
C SER F 207 -2.25 5.33 -39.86
N SER F 208 -2.81 6.43 -40.36
CA SER F 208 -3.29 6.43 -41.73
C SER F 208 -2.14 6.37 -42.74
N SER F 209 -0.96 6.82 -42.34
CA SER F 209 0.15 6.99 -43.28
C SER F 209 1.00 5.74 -43.45
N LEU F 210 0.95 4.80 -42.52
CA LEU F 210 1.83 3.63 -42.61
C LEU F 210 1.47 2.71 -43.76
N GLY F 211 0.28 2.85 -44.34
CA GLY F 211 -0.05 2.12 -45.54
C GLY F 211 0.44 2.83 -46.78
N THR F 212 0.35 4.16 -46.78
CA THR F 212 0.70 4.97 -47.92
C THR F 212 2.17 5.40 -47.90
N GLN F 213 2.58 6.06 -46.82
CA GLN F 213 3.95 6.55 -46.70
C GLN F 213 4.90 5.44 -46.30
N THR F 214 6.09 5.43 -46.91
CA THR F 214 7.14 4.49 -46.59
C THR F 214 8.18 5.17 -45.71
N TYR F 215 8.66 4.45 -44.70
CA TYR F 215 9.57 4.99 -43.69
C TYR F 215 10.86 4.20 -43.69
N ILE F 216 11.97 4.87 -43.94
CA ILE F 216 13.31 4.28 -43.86
C ILE F 216 14.13 5.09 -42.87
N CYS F 217 14.89 4.40 -42.04
CA CYS F 217 15.82 5.05 -41.13
C CYS F 217 17.23 4.94 -41.70
N ASN F 218 18.01 6.01 -41.55
CA ASN F 218 19.32 6.12 -42.17
C ASN F 218 20.38 6.08 -41.07
N VAL F 219 21.09 4.97 -41.00
CA VAL F 219 22.10 4.74 -39.96
C VAL F 219 23.48 4.94 -40.58
N ASN F 220 24.30 5.76 -39.94
CA ASN F 220 25.63 6.09 -40.43
C ASN F 220 26.64 5.84 -39.31
N HIS F 221 27.52 4.87 -39.51
CA HIS F 221 28.59 4.56 -38.56
C HIS F 221 29.91 4.83 -39.28
N LYS F 222 30.45 6.03 -39.06
CA LYS F 222 31.64 6.48 -39.75
C LYS F 222 32.92 5.74 -39.35
N PRO F 223 33.11 5.37 -38.07
CA PRO F 223 34.33 4.61 -37.73
C PRO F 223 34.49 3.32 -38.51
N SER F 224 33.41 2.67 -38.92
CA SER F 224 33.48 1.48 -39.74
C SER F 224 33.17 1.76 -41.21
N ASN F 225 32.98 3.02 -41.58
CA ASN F 225 32.64 3.41 -42.95
C ASN F 225 31.39 2.67 -43.44
N THR F 226 30.35 2.69 -42.62
CA THR F 226 29.13 1.93 -42.85
C THR F 226 27.93 2.86 -42.85
N LYS F 227 27.15 2.82 -43.93
CA LYS F 227 25.87 3.50 -44.02
C LYS F 227 24.81 2.48 -44.37
N VAL F 228 23.72 2.43 -43.60
CA VAL F 228 22.70 1.41 -43.75
C VAL F 228 21.33 2.09 -43.79
N ASP F 229 20.53 1.74 -44.80
CA ASP F 229 19.14 2.14 -44.89
C ASP F 229 18.28 0.88 -44.88
N LYS F 230 17.37 0.80 -43.93
CA LYS F 230 16.50 -0.37 -43.81
C LYS F 230 15.05 0.09 -43.73
N ARG F 231 14.22 -0.43 -44.63
CA ARG F 231 12.82 -0.06 -44.67
C ARG F 231 12.07 -0.78 -43.56
N VAL F 232 11.23 -0.04 -42.85
CA VAL F 232 10.42 -0.57 -41.75
C VAL F 232 9.00 -0.71 -42.26
N GLU F 233 8.52 -1.95 -42.37
CA GLU F 233 7.18 -2.19 -42.91
C GLU F 233 6.22 -2.64 -41.82
N PRO F 234 4.95 -2.25 -41.93
CA PRO F 234 3.90 -2.96 -41.20
C PRO F 234 3.82 -4.40 -41.69
#